data_6JWW
#
_entry.id   6JWW
#
_cell.length_a   99.627
_cell.length_b   136.122
_cell.length_c   138.853
_cell.angle_alpha   90.000
_cell.angle_beta   90.000
_cell.angle_gamma   90.000
#
_symmetry.space_group_name_H-M   'P 21 21 21'
#
loop_
_entity.id
_entity.type
_entity.pdbx_description
1 polymer '7,8-dihydro-6-hydroxymethylpterin pyrophosphokinase-dihydropteroate synthase'
2 non-polymer 4-{[(2-amino-4-oxo-3,4,7,8-tetrahydropteridin-6-yl)methyl]amino}-N-(1,3-thiazol-2-yl)benzenesulfonamide
3 non-polymer 2-AMINO-6-HYDROXYMETHYL-7,8-DIHYDRO-3H-PTERIDIN-4-ONE
4 non-polymer "ADENOSINE-5'-TRIPHOSPHATE"
5 non-polymer 'MAGNESIUM ION'
6 non-polymer 'ACETATE ION'
7 non-polymer 'CALCIUM ION'
8 non-polymer 'ADENOSINE MONOPHOSPHATE'
9 water water
#
_entity_poly.entity_id   1
_entity_poly.type   'polypeptide(L)'
_entity_poly.pdbx_seq_one_letter_code
;METIQELILSEENKTNIAVLNLGTNDRRNAVLILETALHLVEKYLGKIINTSYLYETVPEYIVLDKKESCEKINKDCRIY
DVNYINELMQNLEESKYEENKELIDKCEEYETFLKNGKVDNSILKEVNVENYLLECNNIIVKNDEIMKNNLSKYKDKYYT
SYFYNLTVVVKTFVNDPLSMLVVIKYIEELMKRENVKEKEKFENRIIDIDILFFNDFTIFMKNIKLEKNMIYKILSKYIH
LERDIKNGNDNMSKVNMDKDINLNNNNNIKKKNNNDIDCDCVDQKMNNHVNNKNYINSFRDPQEIINNMVDNIEFLSIPH
VYTTHRYSILLCLNDMIPEYKHNVLNNTIRCLYNKYVSRMKEQYNINIKENNKRIYVLKDRISYLKEKTNIVGILNVNYD
SFSDGGIFVEPKRAVQRMFEMINEGASVIDIGGESFGPFVIPNPKISERDLVVPVLQLFQKEWNDIKNKIVKCDAKPIIS
IDTINYNVFKECVDNDLVDILNDISACTNNPEIIKLLKKKNKFYSVVLMHKRGNPHTMDKLTNYDNLVYDIKNYLEQRLN
FLVLNGIPRYRILFDIGLGFAKKHDQSIKLLQNIHVYDEYPLFIGYSRKRFITHCMNDQNVVINTQQKLHDEQQNENKNI
VDKSHNWMFQMNYMRKDKDQLLYQKNICGGLAIASYSYYKKVDLIRVHDVLETKSVLDVLTKIDQVKDPNSSSVDKLAAA
LEHHHHHH
;
_entity_poly.pdbx_strand_id   A,B
#
# COMPACT_ATOMS: atom_id res chain seq x y z
N GLN A 5 55.87 -8.20 33.13
CA GLN A 5 56.42 -9.32 32.30
C GLN A 5 55.87 -10.66 32.79
N GLU A 6 55.11 -10.59 33.89
CA GLU A 6 54.84 -11.73 34.77
C GLU A 6 53.84 -12.74 34.19
N LEU A 7 52.56 -12.54 34.50
CA LEU A 7 51.48 -13.39 34.01
C LEU A 7 50.75 -12.72 32.85
N ILE A 8 51.21 -11.53 32.50
CA ILE A 8 50.70 -10.78 31.34
C ILE A 8 51.28 -11.36 30.03
N LEU A 9 52.55 -11.73 30.05
CA LEU A 9 53.24 -12.31 28.90
C LEU A 9 53.36 -13.82 29.01
N SER A 10 52.62 -14.39 29.97
CA SER A 10 52.59 -15.84 30.26
C SER A 10 52.48 -16.70 29.02
N GLU A 11 53.32 -17.73 28.95
CA GLU A 11 53.43 -18.63 27.80
C GLU A 11 52.21 -19.52 27.55
N GLU A 12 51.39 -19.73 28.60
CA GLU A 12 50.11 -20.44 28.47
C GLU A 12 49.17 -19.75 27.46
N ASN A 13 48.62 -20.54 26.54
CA ASN A 13 47.70 -20.01 25.53
C ASN A 13 46.25 -20.13 25.96
N LYS A 14 45.56 -19.00 25.93
CA LYS A 14 44.21 -18.88 26.49
C LYS A 14 43.18 -18.62 25.40
N THR A 15 41.92 -18.91 25.73
CA THR A 15 40.83 -18.67 24.81
C THR A 15 39.74 -17.88 25.53
N ASN A 16 39.65 -16.61 25.13
CA ASN A 16 38.76 -15.65 25.77
C ASN A 16 37.72 -15.14 24.77
N ILE A 17 36.56 -14.75 25.28
CA ILE A 17 35.58 -14.08 24.45
C ILE A 17 35.68 -12.57 24.67
N ALA A 18 35.91 -11.83 23.60
CA ALA A 18 35.83 -10.36 23.69
C ALA A 18 34.78 -9.79 22.74
N VAL A 19 34.26 -8.62 23.12
CA VAL A 19 33.18 -7.95 22.39
C VAL A 19 33.71 -6.56 22.07
N LEU A 20 33.60 -6.14 20.80
CA LEU A 20 34.22 -4.89 20.36
C LEU A 20 33.26 -3.95 19.68
N ASN A 21 33.48 -2.65 19.88
CA ASN A 21 32.72 -1.62 19.19
C ASN A 21 33.62 -1.00 18.12
N LEU A 22 33.07 -0.80 16.92
CA LEU A 22 33.81 -0.19 15.81
C LEU A 22 33.10 1.06 15.37
N GLY A 23 33.87 2.13 15.23
CA GLY A 23 33.29 3.43 14.91
C GLY A 23 34.12 4.21 13.92
N THR A 24 33.41 4.86 13.01
CA THR A 24 33.99 5.84 12.09
C THR A 24 32.93 6.92 11.80
N ASN A 25 33.35 8.07 11.27
CA ASN A 25 32.36 9.01 10.72
C ASN A 25 32.67 9.53 9.32
N ASP A 26 33.52 8.81 8.59
CA ASP A 26 33.62 9.01 7.15
C ASP A 26 32.54 8.15 6.51
N ARG A 27 31.51 8.80 5.99
CA ARG A 27 30.37 8.15 5.35
C ARG A 27 30.73 7.40 4.06
N ARG A 28 31.43 8.06 3.13
CA ARG A 28 31.75 7.44 1.83
C ARG A 28 32.70 6.24 1.94
N ASN A 29 33.58 6.27 2.94
CA ASN A 29 34.52 5.18 3.16
C ASN A 29 34.18 4.30 4.38
N ALA A 30 32.97 4.46 4.92
CA ALA A 30 32.52 3.73 6.13
C ALA A 30 32.78 2.22 6.07
N VAL A 31 32.40 1.60 4.95
CA VAL A 31 32.58 0.16 4.73
C VAL A 31 34.06 -0.21 4.66
N LEU A 32 34.84 0.57 3.90
CA LEU A 32 36.26 0.31 3.67
C LEU A 32 37.09 0.48 4.94
N ILE A 33 36.70 1.42 5.80
CA ILE A 33 37.41 1.70 7.04
C ILE A 33 37.11 0.59 8.05
N LEU A 34 35.83 0.22 8.16
CA LEU A 34 35.38 -0.76 9.15
C LEU A 34 35.74 -2.19 8.79
N GLU A 35 35.78 -2.51 7.50
CA GLU A 35 36.18 -3.87 7.09
C GLU A 35 37.68 -4.06 7.16
N THR A 36 38.44 -3.01 6.84
CA THR A 36 39.88 -2.95 7.15
C THR A 36 40.10 -3.27 8.63
N ALA A 37 39.34 -2.60 9.51
CA ALA A 37 39.33 -2.91 10.93
C ALA A 37 39.00 -4.39 11.17
N LEU A 38 37.92 -4.87 10.56
CA LEU A 38 37.50 -6.27 10.72
C LEU A 38 38.59 -7.26 10.32
N HIS A 39 39.22 -7.00 9.18
CA HIS A 39 40.35 -7.79 8.73
C HIS A 39 41.49 -7.77 9.75
N LEU A 40 41.85 -6.58 10.18
CA LEU A 40 42.93 -6.40 11.15
C LEU A 40 42.61 -7.02 12.52
N VAL A 41 41.33 -7.00 12.92
CA VAL A 41 40.84 -7.74 14.10
C VAL A 41 41.04 -9.24 13.87
N GLU A 42 40.58 -9.72 12.71
CA GLU A 42 40.63 -11.14 12.37
C GLU A 42 42.07 -11.66 12.28
N LYS A 43 42.99 -10.79 11.84
CA LYS A 43 44.39 -11.17 11.64
C LYS A 43 45.16 -11.20 12.96
N TYR A 44 44.94 -10.17 13.78
CA TYR A 44 45.77 -9.90 14.95
C TYR A 44 45.20 -10.28 16.30
N LEU A 45 43.87 -10.41 16.39
CA LEU A 45 43.24 -10.59 17.69
C LEU A 45 42.64 -11.98 17.96
N GLY A 46 42.27 -12.69 16.90
CA GLY A 46 41.61 -13.99 17.03
C GLY A 46 40.52 -14.17 16.00
N LYS A 47 39.44 -14.84 16.37
CA LYS A 47 38.45 -15.24 15.39
C LYS A 47 37.11 -14.53 15.57
N ILE A 48 36.62 -13.90 14.51
CA ILE A 48 35.32 -13.18 14.56
C ILE A 48 34.18 -14.19 14.47
N ILE A 49 33.37 -14.27 15.52
CA ILE A 49 32.28 -15.26 15.60
C ILE A 49 30.88 -14.66 15.67
N ASN A 50 30.81 -13.32 15.69
CA ASN A 50 29.55 -12.59 15.56
C ASN A 50 29.81 -11.15 15.16
N THR A 51 28.84 -10.53 14.48
CA THR A 51 28.86 -9.12 14.12
C THR A 51 27.44 -8.56 14.21
N SER A 52 27.32 -7.27 14.49
CA SER A 52 26.02 -6.63 14.43
C SER A 52 25.73 -6.22 12.98
N TYR A 53 24.58 -5.60 12.76
CA TYR A 53 24.43 -4.81 11.54
C TYR A 53 25.33 -3.56 11.59
N LEU A 54 25.41 -2.91 10.44
CA LEU A 54 26.05 -1.63 10.32
C LEU A 54 24.97 -0.58 10.58
N TYR A 55 25.28 0.41 11.41
CA TYR A 55 24.33 1.50 11.72
C TYR A 55 24.86 2.89 11.44
N GLU A 56 23.99 3.74 10.89
CA GLU A 56 24.27 5.17 10.80
C GLU A 56 23.63 5.79 12.01
N THR A 57 24.44 6.48 12.79
CA THR A 57 24.03 6.75 14.15
C THR A 57 24.29 8.18 14.63
N VAL A 58 23.32 8.71 15.37
CA VAL A 58 23.39 10.06 15.94
C VAL A 58 24.45 10.12 17.04
N PRO A 59 25.35 11.15 16.97
CA PRO A 59 26.44 11.33 17.92
C PRO A 59 25.93 11.49 19.32
N GLU A 60 26.64 10.83 20.23
CA GLU A 60 26.26 10.73 21.61
C GLU A 60 27.40 11.23 22.47
N TYR A 61 27.85 12.47 22.25
CA TYR A 61 28.94 13.03 23.06
C TYR A 61 28.47 13.32 24.50
N ILE A 62 27.18 13.06 24.75
CA ILE A 62 26.50 13.41 25.99
C ILE A 62 26.19 12.16 26.84
N VAL A 82 40.45 7.96 0.32
CA VAL A 82 41.88 7.79 0.04
C VAL A 82 42.23 6.29 0.06
N ASN A 83 42.96 5.87 -0.98
CA ASN A 83 43.25 4.45 -1.24
C ASN A 83 44.61 3.95 -0.70
N TYR A 84 45.22 4.75 0.17
CA TYR A 84 46.45 4.37 0.87
C TYR A 84 46.18 3.26 1.92
N ILE A 85 44.91 3.07 2.27
CA ILE A 85 44.48 2.01 3.19
C ILE A 85 44.46 0.64 2.49
N ASN A 86 44.29 0.66 1.17
CA ASN A 86 44.46 -0.53 0.34
C ASN A 86 45.95 -0.86 0.17
N GLU A 87 46.80 0.15 0.38
CA GLU A 87 48.25 0.01 0.35
C GLU A 87 48.81 -0.51 1.68
N LEU A 88 48.10 -0.24 2.78
CA LEU A 88 48.43 -0.79 4.09
C LEU A 88 48.31 -2.32 4.09
N MET A 89 47.29 -2.82 3.40
CA MET A 89 46.99 -4.25 3.32
C MET A 89 48.05 -5.07 2.56
N GLN A 90 48.92 -4.36 1.86
CA GLN A 90 50.01 -4.95 1.09
C GLN A 90 51.32 -5.04 1.90
N ASN A 91 51.32 -4.51 3.13
CA ASN A 91 52.54 -4.36 3.94
C ASN A 91 52.38 -4.73 5.41
N LEU A 92 51.34 -5.49 5.71
CA LEU A 92 51.03 -5.88 7.08
C LEU A 92 52.03 -6.88 7.60
N GLU A 93 52.48 -6.65 8.83
CA GLU A 93 53.39 -7.58 9.50
C GLU A 93 52.61 -8.83 9.90
N GLU A 94 53.29 -9.97 9.92
CA GLU A 94 52.65 -11.24 10.19
C GLU A 94 52.27 -11.43 11.66
N SER A 95 51.11 -12.04 11.88
CA SER A 95 50.69 -12.48 13.19
C SER A 95 51.49 -13.71 13.56
N LYS A 96 51.84 -13.81 14.84
CA LYS A 96 52.36 -15.05 15.45
C LYS A 96 51.27 -16.12 15.64
N TYR A 97 50.03 -15.81 15.25
CA TYR A 97 48.92 -16.75 15.41
C TYR A 97 48.25 -17.05 14.06
N GLU A 98 47.51 -18.15 14.02
CA GLU A 98 47.05 -18.74 12.77
C GLU A 98 45.60 -18.44 12.41
N GLU A 99 45.32 -18.41 11.11
CA GLU A 99 43.95 -18.32 10.64
C GLU A 99 43.50 -19.68 10.19
N ASN A 100 42.70 -20.34 11.01
CA ASN A 100 42.08 -21.55 10.58
C ASN A 100 40.73 -21.22 10.01
N LYS A 101 40.58 -21.55 8.73
CA LYS A 101 39.42 -21.17 7.96
C LYS A 101 38.33 -22.24 7.97
N GLU A 102 38.59 -23.42 8.55
CA GLU A 102 37.61 -24.50 8.60
C GLU A 102 36.29 -24.02 9.18
N LEU A 103 35.20 -24.53 8.64
CA LEU A 103 33.89 -24.23 9.16
C LEU A 103 33.73 -24.78 10.57
N ILE A 104 33.00 -24.04 11.41
CA ILE A 104 32.64 -24.50 12.76
C ILE A 104 31.12 -24.44 12.95
N ASP A 105 30.58 -25.36 13.76
CA ASP A 105 29.16 -25.40 14.14
C ASP A 105 28.97 -24.86 15.54
N LYS A 106 30.02 -24.97 16.35
CA LYS A 106 29.96 -24.70 17.78
C LYS A 106 31.12 -23.86 18.23
N CYS A 107 30.92 -23.14 19.31
CA CYS A 107 32.02 -22.55 20.05
C CYS A 107 31.69 -22.54 21.53
N GLU A 108 32.38 -23.43 22.26
CA GLU A 108 32.14 -23.66 23.70
C GLU A 108 32.39 -22.43 24.59
N GLU A 109 33.53 -21.76 24.37
CA GLU A 109 33.90 -20.53 25.08
C GLU A 109 32.85 -19.44 24.93
N TYR A 110 32.30 -19.37 23.72
CA TYR A 110 31.23 -18.47 23.38
C TYR A 110 29.92 -18.81 24.08
N GLU A 111 29.57 -20.10 24.15
CA GLU A 111 28.35 -20.50 24.85
C GLU A 111 28.48 -20.28 26.36
N THR A 112 29.69 -20.52 26.88
CA THR A 112 30.09 -20.16 28.24
C THR A 112 29.96 -18.67 28.51
N PHE A 113 30.39 -17.84 27.55
CA PHE A 113 30.26 -16.39 27.68
C PHE A 113 28.80 -15.92 27.80
N LEU A 114 27.94 -16.53 27.00
CA LEU A 114 26.52 -16.17 26.97
C LEU A 114 25.73 -16.65 28.17
N LYS A 115 26.02 -17.88 28.62
CA LYS A 115 25.43 -18.46 29.83
C LYS A 115 25.93 -17.76 31.08
N ASN A 116 27.10 -17.13 30.97
CA ASN A 116 27.81 -16.51 32.09
C ASN A 116 28.44 -17.52 33.03
N GLY A 117 28.49 -18.78 32.61
CA GLY A 117 29.32 -19.80 33.27
C GLY A 117 30.73 -19.26 33.32
N LYS A 118 31.62 -19.98 34.00
CA LYS A 118 32.91 -19.37 34.26
C LYS A 118 34.09 -19.82 33.36
N VAL A 119 34.84 -18.80 32.95
CA VAL A 119 36.19 -18.92 32.41
C VAL A 119 37.22 -18.89 33.56
N ASP A 120 38.51 -18.83 33.24
CA ASP A 120 39.57 -18.71 34.26
C ASP A 120 39.52 -17.37 35.02
N ASN A 121 40.26 -17.31 36.12
CA ASN A 121 40.52 -16.07 36.86
C ASN A 121 41.06 -15.00 35.92
N SER A 122 40.60 -13.76 36.14
CA SER A 122 41.17 -12.60 35.48
C SER A 122 42.60 -12.39 35.95
N ILE A 123 43.50 -12.22 34.98
CA ILE A 123 44.91 -11.91 35.22
C ILE A 123 45.09 -10.45 35.71
N LEU A 124 44.11 -9.60 35.42
CA LEU A 124 44.09 -8.21 35.90
C LEU A 124 43.08 -8.05 37.04
N LYS A 125 43.47 -7.27 38.06
CA LYS A 125 42.63 -7.04 39.22
C LYS A 125 41.26 -6.48 38.86
N GLU A 126 40.26 -7.17 39.38
CA GLU A 126 38.87 -6.82 39.21
C GLU A 126 38.42 -5.93 40.36
N VAL A 127 37.31 -5.22 40.14
CA VAL A 127 36.66 -4.44 41.17
C VAL A 127 35.21 -4.91 41.28
N ASN A 128 34.54 -4.62 42.39
CA ASN A 128 33.14 -5.01 42.54
C ASN A 128 32.19 -3.99 41.89
N VAL A 129 30.91 -4.37 41.85
CA VAL A 129 29.84 -3.64 41.14
C VAL A 129 29.67 -2.20 41.62
N GLU A 130 29.57 -2.04 42.95
CA GLU A 130 29.45 -0.75 43.63
C GLU A 130 30.59 0.15 43.16
N ASN A 131 31.82 -0.34 43.33
CA ASN A 131 33.01 0.41 42.99
C ASN A 131 33.16 0.74 41.49
N TYR A 132 32.72 -0.18 40.63
CA TYR A 132 32.69 0.05 39.17
C TYR A 132 31.70 1.15 38.81
N LEU A 133 30.49 1.08 39.39
CA LEU A 133 29.45 2.04 39.10
C LEU A 133 29.86 3.46 39.47
N LEU A 134 30.45 3.60 40.65
CA LEU A 134 31.00 4.86 41.12
C LEU A 134 32.01 5.47 40.13
N GLU A 135 32.97 4.63 39.71
CA GLU A 135 34.08 5.07 38.86
C GLU A 135 33.68 5.39 37.41
N CYS A 136 32.67 4.68 36.90
CA CYS A 136 32.07 5.01 35.60
C CYS A 136 31.34 6.33 35.65
N ASN A 137 30.47 6.49 36.65
CA ASN A 137 29.70 7.70 36.83
C ASN A 137 30.60 8.88 37.07
N ASN A 138 31.76 8.61 37.67
CA ASN A 138 32.83 9.59 37.78
C ASN A 138 33.31 10.08 36.40
N ILE A 139 33.58 9.15 35.48
CA ILE A 139 34.01 9.47 34.10
C ILE A 139 32.90 10.21 33.34
N ILE A 140 31.66 9.71 33.44
CA ILE A 140 30.54 10.26 32.67
C ILE A 140 30.28 11.74 33.00
N VAL A 141 30.08 12.04 34.28
CA VAL A 141 29.79 13.42 34.76
C VAL A 141 30.94 14.37 34.43
N LYS A 142 32.17 13.89 34.63
CA LYS A 142 33.37 14.65 34.32
C LYS A 142 33.49 14.95 32.82
N ASN A 143 32.87 14.10 31.97
CA ASN A 143 32.89 14.29 30.51
C ASN A 143 31.85 15.32 30.00
N ASP A 144 31.26 16.07 30.92
CA ASP A 144 30.30 17.14 30.59
C ASP A 144 30.74 18.47 31.21
N THR A 160 28.52 16.83 14.57
CA THR A 160 27.72 17.28 13.42
C THR A 160 27.48 16.17 12.38
N SER A 161 28.48 15.31 12.16
CA SER A 161 28.36 14.14 11.25
C SER A 161 27.99 12.88 12.02
N TYR A 162 27.18 12.03 11.40
CA TYR A 162 26.77 10.76 11.97
C TYR A 162 27.98 9.85 12.22
N PHE A 163 27.81 8.87 13.10
CA PHE A 163 28.78 7.79 13.24
C PHE A 163 28.35 6.54 12.50
N TYR A 164 29.34 5.79 12.02
CA TYR A 164 29.14 4.50 11.40
C TYR A 164 29.72 3.42 12.29
N ASN A 165 28.79 2.65 12.87
CA ASN A 165 29.04 1.78 14.00
C ASN A 165 28.82 0.29 13.74
N LEU A 166 29.57 -0.53 14.47
CA LEU A 166 29.59 -1.96 14.30
C LEU A 166 30.06 -2.65 15.55
N THR A 167 29.39 -3.71 15.97
CA THR A 167 29.98 -4.56 16.99
C THR A 167 30.42 -5.90 16.43
N VAL A 168 31.38 -6.54 17.12
CA VAL A 168 31.88 -7.87 16.80
C VAL A 168 32.13 -8.67 18.06
N VAL A 169 31.96 -9.99 17.98
CA VAL A 169 32.48 -10.91 19.01
C VAL A 169 33.72 -11.61 18.44
N VAL A 170 34.79 -11.60 19.23
CA VAL A 170 36.03 -12.23 18.87
C VAL A 170 36.37 -13.33 19.88
N LYS A 171 36.49 -14.56 19.40
CA LYS A 171 37.16 -15.61 20.16
C LYS A 171 38.64 -15.20 20.07
N THR A 172 39.21 -14.81 21.20
CA THR A 172 40.53 -14.17 21.23
C THR A 172 41.61 -15.03 21.90
N PHE A 173 42.82 -14.96 21.36
CA PHE A 173 43.97 -15.62 21.96
C PHE A 173 44.83 -14.64 22.78
N VAL A 174 44.32 -13.43 22.99
CA VAL A 174 45.02 -12.41 23.77
C VAL A 174 44.70 -12.68 25.24
N ASN A 175 45.73 -12.57 26.10
CA ASN A 175 45.65 -12.93 27.52
C ASN A 175 44.64 -12.12 28.33
N ASP A 176 44.55 -10.82 28.05
CA ASP A 176 43.81 -9.89 28.89
C ASP A 176 43.46 -8.61 28.14
N PRO A 177 42.45 -7.85 28.63
CA PRO A 177 42.01 -6.56 28.05
C PRO A 177 43.12 -5.53 27.82
N LEU A 178 44.10 -5.45 28.73
CA LEU A 178 45.17 -4.46 28.59
C LEU A 178 46.09 -4.76 27.40
N SER A 179 46.50 -6.02 27.29
CA SER A 179 47.22 -6.51 26.12
C SER A 179 46.41 -6.29 24.84
N MET A 180 45.12 -6.64 24.88
CA MET A 180 44.23 -6.47 23.74
C MET A 180 44.05 -5.00 23.33
N LEU A 181 43.85 -4.10 24.31
CA LEU A 181 43.81 -2.66 24.06
C LEU A 181 45.11 -2.12 23.44
N VAL A 182 46.25 -2.63 23.92
CA VAL A 182 47.56 -2.27 23.37
C VAL A 182 47.58 -2.59 21.87
N VAL A 183 47.21 -3.82 21.52
CA VAL A 183 47.16 -4.28 20.13
C VAL A 183 46.13 -3.49 19.31
N ILE A 184 44.98 -3.18 19.94
CA ILE A 184 43.95 -2.36 19.32
C ILE A 184 44.52 -1.01 18.90
N LYS A 185 45.36 -0.42 19.77
CA LYS A 185 45.97 0.89 19.52
C LYS A 185 46.93 0.87 18.36
N TYR A 186 47.73 -0.20 18.27
CA TYR A 186 48.59 -0.45 17.13
C TYR A 186 47.77 -0.49 15.84
N ILE A 187 46.66 -1.24 15.88
CA ILE A 187 45.70 -1.33 14.76
C ILE A 187 45.12 0.05 14.41
N GLU A 188 44.73 0.84 15.42
CA GLU A 188 44.19 2.18 15.16
C GLU A 188 45.24 3.09 14.50
N GLU A 189 46.47 3.04 15.02
CA GLU A 189 47.57 3.85 14.51
C GLU A 189 48.03 3.46 13.10
N LEU A 190 48.04 2.16 12.81
CA LEU A 190 48.34 1.66 11.46
C LEU A 190 47.41 2.21 10.40
N MET A 191 46.13 2.36 10.75
CA MET A 191 45.09 2.88 9.87
C MET A 191 45.09 4.41 9.83
N LYS A 192 45.86 4.99 10.76
CA LYS A 192 46.17 6.44 10.85
C LYS A 192 44.99 7.26 11.38
N ILE A 206 39.64 8.65 12.07
CA ILE A 206 39.06 7.83 11.01
C ILE A 206 38.45 6.53 11.56
N ILE A 207 38.92 6.11 12.74
CA ILE A 207 38.56 4.81 13.32
C ILE A 207 38.64 4.81 14.85
N ASP A 208 37.66 4.18 15.49
CA ASP A 208 37.67 3.98 16.94
C ASP A 208 37.21 2.57 17.33
N ILE A 209 38.09 1.84 18.02
CA ILE A 209 37.82 0.45 18.46
C ILE A 209 37.81 0.33 19.99
N ASP A 210 36.64 0.04 20.55
CA ASP A 210 36.46 -0.07 22.01
C ASP A 210 36.20 -1.51 22.44
N ILE A 211 36.71 -1.88 23.60
CA ILE A 211 36.41 -3.19 24.19
C ILE A 211 35.15 -3.03 25.03
N LEU A 212 34.04 -3.64 24.60
CA LEU A 212 32.81 -3.57 25.40
C LEU A 212 32.84 -4.56 26.54
N PHE A 213 33.12 -5.83 26.24
CA PHE A 213 33.30 -6.86 27.27
C PHE A 213 34.59 -7.65 27.03
N PHE A 214 35.04 -8.34 28.05
CA PHE A 214 36.11 -9.30 27.92
C PHE A 214 35.85 -10.37 28.96
N ASN A 215 35.28 -11.50 28.52
CA ASN A 215 34.82 -12.52 29.44
C ASN A 215 33.81 -11.90 30.39
N ASP A 216 33.71 -12.42 31.61
CA ASP A 216 32.77 -11.89 32.61
C ASP A 216 33.41 -10.89 33.58
N PHE A 217 34.53 -10.27 33.18
CA PHE A 217 35.34 -9.45 34.08
C PHE A 217 34.79 -8.06 34.35
N THR A 218 34.90 -7.64 35.60
CA THR A 218 34.62 -6.24 35.98
C THR A 218 35.92 -5.60 36.42
N ILE A 219 36.47 -4.74 35.56
CA ILE A 219 37.79 -4.14 35.75
C ILE A 219 37.67 -2.63 35.63
N PHE A 220 38.37 -1.89 36.50
CA PHE A 220 38.53 -0.45 36.37
C PHE A 220 39.91 0.00 36.85
N MET A 221 40.87 0.12 35.93
CA MET A 221 42.23 0.50 36.30
C MET A 221 42.45 1.94 35.90
N LYS A 222 42.93 2.75 36.85
CA LYS A 222 42.76 4.20 36.75
C LYS A 222 43.93 4.99 36.17
N ASN A 223 45.15 4.69 36.56
CA ASN A 223 46.27 5.56 36.18
C ASN A 223 47.35 4.76 35.48
N ILE A 224 46.96 4.11 34.37
CA ILE A 224 47.82 3.19 33.64
C ILE A 224 49.03 3.96 33.12
N LYS A 225 50.19 3.52 33.59
CA LYS A 225 51.46 4.04 33.14
C LYS A 225 52.21 2.86 32.56
N LEU A 226 52.40 2.87 31.24
CA LEU A 226 53.06 1.78 30.52
C LEU A 226 54.38 2.25 29.91
N GLU A 227 55.44 1.51 30.21
CA GLU A 227 56.78 1.81 29.70
C GLU A 227 56.87 1.50 28.20
N LYS A 228 57.73 2.26 27.50
CA LYS A 228 57.94 2.15 26.04
C LYS A 228 58.38 0.76 25.54
N ASN A 229 59.15 0.04 26.35
CA ASN A 229 59.63 -1.29 26.00
C ASN A 229 58.64 -2.39 26.41
N MET A 230 57.64 -2.04 27.21
CA MET A 230 56.60 -3.00 27.60
C MET A 230 55.61 -3.24 26.47
N ILE A 231 55.15 -2.15 25.84
CA ILE A 231 54.24 -2.21 24.70
C ILE A 231 54.88 -3.01 23.56
N TYR A 232 56.15 -2.72 23.25
CA TYR A 232 56.91 -3.50 22.29
C TYR A 232 56.79 -4.99 22.64
N LYS A 233 57.09 -5.33 23.89
CA LYS A 233 57.00 -6.72 24.36
C LYS A 233 55.61 -7.34 24.19
N ILE A 234 54.57 -6.57 24.52
CA ILE A 234 53.17 -7.01 24.33
C ILE A 234 52.89 -7.26 22.84
N LEU A 235 53.25 -6.28 22.01
CA LEU A 235 53.05 -6.37 20.55
C LEU A 235 53.81 -7.55 19.93
N SER A 236 55.07 -7.73 20.33
CA SER A 236 55.92 -8.84 19.88
C SER A 236 55.42 -10.23 20.28
N LYS A 237 54.57 -10.28 21.31
CA LYS A 237 53.96 -11.53 21.75
C LYS A 237 52.90 -12.06 20.78
N TYR A 238 52.40 -11.16 19.92
CA TYR A 238 51.30 -11.48 19.01
C TYR A 238 51.60 -11.17 17.53
N ILE A 239 52.58 -10.32 17.27
CA ILE A 239 52.89 -9.84 15.92
C ILE A 239 54.38 -10.00 15.62
N HIS A 240 54.70 -10.49 14.41
CA HIS A 240 56.06 -10.50 13.90
C HIS A 240 56.53 -9.08 13.56
N LEU A 241 57.09 -8.39 14.55
CA LEU A 241 57.65 -7.06 14.33
C LEU A 241 59.07 -7.18 13.78
N GLU A 242 59.29 -6.56 12.62
CA GLU A 242 60.55 -6.72 11.86
C GLU A 242 61.70 -5.86 12.40
N GLN A 303 58.81 3.48 13.64
CA GLN A 303 59.16 3.56 15.06
C GLN A 303 58.27 4.55 15.84
N GLU A 304 57.85 5.62 15.16
CA GLU A 304 57.02 6.71 15.72
C GLU A 304 55.71 6.25 16.35
N ILE A 305 55.20 5.12 15.86
CA ILE A 305 53.92 4.50 16.28
C ILE A 305 53.87 4.24 17.80
N ILE A 306 54.91 3.60 18.31
CA ILE A 306 54.95 3.11 19.69
C ILE A 306 55.12 4.24 20.71
N ASN A 307 55.91 5.26 20.36
CA ASN A 307 56.05 6.48 21.17
C ASN A 307 54.74 7.27 21.22
N ASN A 308 53.96 7.16 20.14
CA ASN A 308 52.64 7.80 20.03
C ASN A 308 51.59 7.09 20.89
N MET A 309 51.75 5.78 21.06
CA MET A 309 50.82 4.95 21.84
C MET A 309 50.93 5.10 23.36
N VAL A 310 52.14 5.42 23.83
CA VAL A 310 52.50 5.45 25.26
C VAL A 310 51.51 6.27 26.11
N ASP A 311 51.17 7.46 25.60
CA ASP A 311 50.13 8.29 26.20
C ASP A 311 48.75 7.69 26.07
N ASN A 312 48.44 7.22 24.85
CA ASN A 312 47.06 6.94 24.45
C ASN A 312 46.25 6.17 25.49
N ILE A 313 46.88 5.21 26.17
CA ILE A 313 46.20 4.42 27.18
C ILE A 313 46.43 5.00 28.58
N GLU A 314 45.42 5.73 29.05
CA GLU A 314 45.45 6.37 30.38
C GLU A 314 44.79 5.49 31.44
N PHE A 315 43.68 4.84 31.07
CA PHE A 315 43.00 3.88 31.94
C PHE A 315 42.32 2.74 31.16
N LEU A 316 41.79 1.74 31.89
CA LEU A 316 41.01 0.66 31.31
C LEU A 316 39.77 0.36 32.16
N SER A 317 38.63 0.33 31.49
CA SER A 317 37.35 -0.04 32.10
C SER A 317 36.71 -1.21 31.34
N ILE A 318 36.30 -2.25 32.08
CA ILE A 318 35.56 -3.39 31.51
C ILE A 318 34.39 -3.76 32.43
N PRO A 319 33.13 -3.60 31.98
CA PRO A 319 32.74 -3.16 30.63
C PRO A 319 33.12 -1.73 30.30
N HIS A 320 33.12 -1.38 29.02
CA HIS A 320 33.35 -0.01 28.58
C HIS A 320 32.37 0.93 29.29
N VAL A 321 32.87 2.13 29.63
CA VAL A 321 32.12 3.16 30.35
C VAL A 321 30.73 3.40 29.76
N TYR A 322 30.66 3.55 28.44
CA TYR A 322 29.43 4.00 27.80
C TYR A 322 28.44 2.92 27.36
N THR A 323 28.77 1.66 27.69
CA THR A 323 28.00 0.48 27.27
C THR A 323 26.51 0.64 27.54
N THR A 324 26.20 0.99 28.79
CA THR A 324 24.84 1.24 29.27
C THR A 324 24.27 2.57 28.73
N HIS A 325 25.15 3.48 28.34
CA HIS A 325 24.81 4.90 28.25
C HIS A 325 24.75 5.44 26.83
N ARG A 326 25.17 4.63 25.85
CA ARG A 326 25.07 5.02 24.44
C ARG A 326 24.09 4.12 23.66
N TYR A 327 23.16 4.76 22.94
CA TYR A 327 22.15 4.01 22.19
C TYR A 327 22.76 3.20 21.04
N SER A 328 23.72 3.80 20.32
CA SER A 328 24.43 3.15 19.24
C SER A 328 25.12 1.86 19.70
N ILE A 329 25.44 1.80 20.99
CA ILE A 329 26.03 0.59 21.54
C ILE A 329 24.97 -0.50 21.76
N LEU A 330 23.88 -0.17 22.45
CA LEU A 330 22.81 -1.15 22.70
C LEU A 330 22.16 -1.64 21.39
N LEU A 331 21.97 -0.72 20.45
CA LEU A 331 21.53 -1.05 19.08
C LEU A 331 22.32 -2.23 18.46
N CYS A 332 23.64 -2.06 18.37
CA CYS A 332 24.51 -3.11 17.86
C CYS A 332 24.43 -4.40 18.68
N LEU A 333 24.64 -4.30 20.00
CA LEU A 333 24.62 -5.47 20.89
C LEU A 333 23.30 -6.25 20.83
N ASN A 334 22.19 -5.56 20.55
CA ASN A 334 20.87 -6.20 20.47
C ASN A 334 20.75 -7.19 19.32
N ASP A 335 21.49 -6.94 18.25
CA ASP A 335 21.60 -7.87 17.12
C ASP A 335 22.30 -9.17 17.53
N MET A 336 23.42 -9.05 18.23
CA MET A 336 24.31 -10.20 18.45
C MET A 336 23.99 -10.96 19.71
N ILE A 337 23.85 -10.24 20.82
CA ILE A 337 23.78 -10.91 22.12
C ILE A 337 22.62 -10.43 23.00
N PRO A 338 21.37 -10.52 22.51
CA PRO A 338 20.27 -9.96 23.30
C PRO A 338 20.14 -10.53 24.72
N GLU A 339 20.45 -11.80 24.90
CA GLU A 339 20.29 -12.51 26.16
C GLU A 339 21.34 -12.19 27.22
N TYR A 340 22.44 -11.59 26.79
CA TYR A 340 23.60 -11.46 27.63
C TYR A 340 23.34 -10.54 28.81
N LYS A 341 23.75 -10.98 30.01
CA LYS A 341 23.71 -10.16 31.22
C LYS A 341 24.97 -10.24 32.06
N HIS A 342 25.89 -9.32 31.78
CA HIS A 342 27.05 -9.06 32.63
C HIS A 342 26.55 -8.63 34.01
N ASN A 343 27.28 -9.02 35.06
CA ASN A 343 26.95 -8.67 36.46
C ASN A 343 26.69 -7.19 36.71
N VAL A 344 27.49 -6.34 36.08
CA VAL A 344 27.40 -4.89 36.21
C VAL A 344 26.20 -4.26 35.52
N LEU A 345 25.45 -5.08 34.78
CA LEU A 345 24.24 -4.60 34.09
C LEU A 345 22.98 -4.92 34.87
N ASN A 346 22.00 -4.03 34.77
CA ASN A 346 20.74 -4.19 35.51
C ASN A 346 19.72 -5.10 34.87
N ASN A 347 19.92 -5.37 33.58
CA ASN A 347 19.12 -6.35 32.87
C ASN A 347 19.86 -6.83 31.63
N THR A 348 19.23 -7.72 30.86
CA THR A 348 19.79 -8.25 29.62
C THR A 348 19.88 -7.15 28.57
N ILE A 349 20.78 -7.34 27.61
CA ILE A 349 20.94 -6.43 26.46
C ILE A 349 19.59 -6.05 25.84
N ARG A 350 18.75 -7.05 25.55
CA ARG A 350 17.44 -6.78 24.93
C ARG A 350 16.58 -5.85 25.77
N CYS A 351 16.34 -6.22 27.03
CA CYS A 351 15.57 -5.36 27.95
C CYS A 351 16.15 -3.96 28.06
N LEU A 352 17.47 -3.87 28.30
CA LEU A 352 18.17 -2.57 28.25
C LEU A 352 17.86 -1.81 26.97
N TYR A 353 18.02 -2.47 25.82
CA TYR A 353 17.69 -1.87 24.53
C TYR A 353 16.22 -1.40 24.47
N ASN A 354 15.30 -2.28 24.88
CA ASN A 354 13.87 -1.99 24.86
C ASN A 354 13.47 -0.82 25.74
N LYS A 355 13.86 -0.87 27.02
CA LYS A 355 13.60 0.19 27.98
C LYS A 355 14.11 1.53 27.46
N TYR A 356 15.29 1.53 26.86
CA TYR A 356 15.84 2.70 26.18
C TYR A 356 14.97 3.25 25.03
N VAL A 357 14.27 2.37 24.30
CA VAL A 357 13.41 2.79 23.18
C VAL A 357 12.12 3.44 23.70
N SER A 358 11.50 2.78 24.69
CA SER A 358 10.26 3.25 25.29
C SER A 358 10.47 4.53 26.09
N ARG A 359 11.51 4.56 26.93
CA ARG A 359 11.92 5.76 27.68
C ARG A 359 12.15 6.98 26.78
N MET A 360 12.77 6.79 25.63
CA MET A 360 12.97 7.87 24.65
C MET A 360 11.67 8.42 24.08
N LYS A 361 10.60 7.63 24.15
CA LYS A 361 9.28 8.05 23.66
C LYS A 361 8.42 8.79 24.69
N GLU A 362 8.71 8.61 25.98
CA GLU A 362 7.98 9.31 27.06
C GLU A 362 8.76 10.49 27.60
N GLN A 363 9.97 10.22 28.09
CA GLN A 363 10.91 11.23 28.63
C GLN A 363 11.03 12.43 27.71
N TYR A 364 11.36 12.14 26.45
CA TYR A 364 11.26 13.09 25.35
C TYR A 364 10.14 12.63 24.41
N ASN A 365 9.98 13.24 23.25
CA ASN A 365 9.14 12.63 22.22
C ASN A 365 9.90 12.39 20.91
N ILE A 366 10.90 11.50 21.00
CA ILE A 366 11.63 11.06 19.82
C ILE A 366 11.39 9.57 19.60
N ASN A 367 11.28 9.20 18.32
CA ASN A 367 11.47 7.81 17.92
C ASN A 367 12.97 7.66 17.63
N ILE A 368 13.69 7.04 18.57
CA ILE A 368 15.16 6.92 18.48
C ILE A 368 15.63 6.08 17.28
N LYS A 369 14.72 5.30 16.72
CA LYS A 369 14.95 4.53 15.51
C LYS A 369 15.17 5.41 14.28
N GLU A 370 14.34 6.44 14.12
CA GLU A 370 14.31 7.25 12.89
C GLU A 370 15.68 7.73 12.44
N ASN A 371 16.51 8.16 13.38
CA ASN A 371 17.81 8.74 13.03
C ASN A 371 18.98 7.77 13.16
N ASN A 372 18.77 6.66 13.85
CA ASN A 372 19.79 5.63 13.94
C ASN A 372 19.42 4.44 13.04
N LYS A 373 20.01 4.42 11.84
CA LYS A 373 19.56 3.59 10.71
C LYS A 373 20.35 2.31 10.52
N ARG A 374 19.65 1.23 10.17
CA ARG A 374 20.30 -0.06 9.88
C ARG A 374 20.80 -0.10 8.43
N ILE A 375 22.03 -0.59 8.24
CA ILE A 375 22.68 -0.62 6.92
C ILE A 375 22.99 -2.04 6.49
N TYR A 376 22.70 -2.34 5.22
CA TYR A 376 23.29 -3.52 4.57
C TYR A 376 24.31 -3.11 3.49
N VAL A 377 25.17 -4.02 3.08
CA VAL A 377 26.20 -3.74 2.05
C VAL A 377 26.12 -4.74 0.89
N LEU A 378 25.96 -4.22 -0.31
CA LEU A 378 25.90 -5.05 -1.49
C LEU A 378 27.30 -5.28 -2.06
N LYS A 379 28.08 -4.20 -2.18
CA LYS A 379 29.44 -4.25 -2.69
C LYS A 379 30.38 -3.52 -1.74
N ASP A 380 30.39 -2.19 -1.83
CA ASP A 380 31.31 -1.35 -1.05
C ASP A 380 30.68 -0.06 -0.55
N ARG A 381 29.39 0.12 -0.84
CA ARG A 381 28.64 1.30 -0.42
C ARG A 381 27.60 0.97 0.63
N ILE A 382 27.13 2.02 1.30
CA ILE A 382 26.07 1.95 2.28
C ILE A 382 24.73 1.89 1.55
N SER A 383 23.85 1.03 2.06
CA SER A 383 22.46 1.06 1.72
C SER A 383 21.74 1.14 3.04
N TYR A 384 20.81 2.08 3.14
CA TYR A 384 19.94 2.12 4.31
C TYR A 384 18.85 1.08 4.11
N LEU A 385 18.77 0.16 5.05
CA LEU A 385 17.74 -0.86 5.03
C LEU A 385 16.37 -0.23 4.92
N LYS A 386 15.62 -0.69 3.94
CA LYS A 386 14.19 -0.37 3.74
C LYS A 386 13.95 0.98 3.09
N GLU A 387 15.00 1.60 2.57
CA GLU A 387 14.90 2.93 1.96
C GLU A 387 14.78 2.92 0.44
N LYS A 388 15.14 1.80 -0.20
CA LYS A 388 15.11 1.69 -1.66
C LYS A 388 14.85 0.24 -2.12
N THR A 389 14.02 0.09 -3.17
CA THR A 389 13.80 -1.19 -3.83
C THR A 389 14.65 -1.29 -5.11
N ASN A 390 15.75 -2.03 -5.01
CA ASN A 390 16.73 -2.18 -6.10
C ASN A 390 16.32 -3.25 -7.10
N ILE A 391 16.72 -3.06 -8.34
CA ILE A 391 16.39 -4.01 -9.40
C ILE A 391 17.60 -4.86 -9.69
N VAL A 392 17.38 -6.17 -9.64
CA VAL A 392 18.40 -7.14 -10.03
C VAL A 392 17.99 -7.68 -11.40
N GLY A 393 18.81 -7.45 -12.40
CA GLY A 393 18.56 -7.95 -13.74
C GLY A 393 19.06 -9.37 -13.89
N ILE A 394 18.18 -10.25 -14.38
CA ILE A 394 18.50 -11.67 -14.63
C ILE A 394 19.15 -11.85 -16.00
N LEU A 395 20.38 -12.38 -16.02
CA LEU A 395 20.98 -12.84 -17.26
C LEU A 395 21.21 -14.36 -17.21
N ASN A 396 20.24 -15.10 -17.74
CA ASN A 396 20.32 -16.57 -17.87
C ASN A 396 21.08 -16.92 -19.11
N VAL A 397 22.25 -17.51 -18.94
CA VAL A 397 23.12 -17.82 -20.07
C VAL A 397 22.95 -19.29 -20.45
N ASN A 398 21.75 -19.67 -20.86
CA ASN A 398 21.43 -21.08 -21.21
C ASN A 398 20.37 -21.25 -22.30
N PHE A 408 26.01 -22.45 -25.01
CA PHE A 408 26.58 -21.83 -26.22
C PHE A 408 26.15 -20.37 -26.40
N VAL A 409 25.10 -19.95 -25.66
CA VAL A 409 24.55 -18.58 -25.72
C VAL A 409 25.71 -17.58 -25.58
N GLU A 410 26.05 -16.96 -26.72
CA GLU A 410 27.38 -16.42 -26.93
C GLU A 410 27.71 -15.15 -26.14
N PRO A 411 28.96 -15.04 -25.66
CA PRO A 411 29.40 -13.95 -24.76
C PRO A 411 29.02 -12.55 -25.22
N LYS A 412 29.12 -12.28 -26.52
CA LYS A 412 28.85 -10.97 -27.13
C LYS A 412 27.39 -10.52 -26.94
N ARG A 413 26.44 -11.34 -27.38
CA ARG A 413 25.00 -11.08 -27.19
C ARG A 413 24.66 -10.84 -25.70
N ALA A 414 25.17 -11.71 -24.85
CA ALA A 414 24.97 -11.67 -23.40
C ALA A 414 25.54 -10.40 -22.72
N VAL A 415 26.77 -10.01 -23.09
CA VAL A 415 27.38 -8.77 -22.58
C VAL A 415 26.64 -7.54 -23.09
N GLN A 416 26.07 -7.63 -24.29
CA GLN A 416 25.23 -6.55 -24.77
C GLN A 416 23.95 -6.46 -23.94
N ARG A 417 23.39 -7.62 -23.59
CA ARG A 417 22.22 -7.69 -22.74
C ARG A 417 22.51 -7.06 -21.37
N MET A 418 23.73 -7.26 -20.86
CA MET A 418 24.19 -6.66 -19.61
C MET A 418 24.14 -5.15 -19.70
N PHE A 419 24.62 -4.61 -20.82
CA PHE A 419 24.59 -3.17 -21.09
C PHE A 419 23.20 -2.62 -21.30
N GLU A 420 22.35 -3.37 -22.01
CA GLU A 420 20.97 -3.00 -22.17
C GLU A 420 20.28 -2.83 -20.79
N MET A 421 20.59 -3.74 -19.86
CA MET A 421 20.02 -3.74 -18.51
C MET A 421 20.46 -2.57 -17.62
N ILE A 422 21.75 -2.23 -17.64
CA ILE A 422 22.27 -1.06 -16.88
C ILE A 422 21.54 0.22 -17.30
N ASN A 423 21.44 0.45 -18.61
CA ASN A 423 20.75 1.62 -19.16
C ASN A 423 19.26 1.58 -18.84
N GLU A 424 18.70 0.36 -18.80
CA GLU A 424 17.29 0.18 -18.44
C GLU A 424 17.04 0.38 -16.95
N GLY A 425 18.11 0.50 -16.16
CA GLY A 425 18.00 0.85 -14.75
C GLY A 425 18.47 -0.11 -13.68
N ALA A 426 18.85 -1.34 -14.05
CA ALA A 426 19.25 -2.38 -13.08
C ALA A 426 20.43 -1.94 -12.17
N SER A 427 20.28 -2.11 -10.87
CA SER A 427 21.36 -1.82 -9.91
C SER A 427 22.37 -2.97 -9.86
N VAL A 428 21.86 -4.18 -10.08
CA VAL A 428 22.60 -5.41 -9.94
C VAL A 428 22.26 -6.26 -11.16
N ILE A 429 23.24 -7.03 -11.63
CA ILE A 429 23.02 -8.06 -12.66
C ILE A 429 23.29 -9.42 -12.02
N ASP A 430 22.41 -10.38 -12.25
CA ASP A 430 22.56 -11.72 -11.69
C ASP A 430 22.69 -12.80 -12.77
N ILE A 431 23.92 -13.27 -12.96
CA ILE A 431 24.24 -14.22 -14.05
C ILE A 431 24.20 -15.69 -13.59
N GLY A 432 23.41 -16.50 -14.31
CA GLY A 432 23.29 -17.92 -14.02
C GLY A 432 23.45 -18.78 -15.24
N GLY A 433 24.12 -19.92 -15.07
CA GLY A 433 24.31 -20.89 -16.14
C GLY A 433 23.52 -22.17 -15.95
N GLU A 434 22.69 -22.22 -14.90
CA GLU A 434 21.97 -23.46 -14.55
C GLU A 434 20.45 -23.38 -14.71
N SER A 435 19.85 -24.46 -15.22
CA SER A 435 18.38 -24.60 -15.40
C SER A 435 17.59 -24.57 -14.08
N PHE A 436 16.29 -24.27 -14.18
CA PHE A 436 15.48 -23.86 -13.02
C PHE A 436 14.20 -24.67 -12.75
N GLY A 437 13.41 -24.91 -13.80
CA GLY A 437 12.15 -25.63 -13.71
C GLY A 437 10.98 -24.74 -13.30
N PRO A 444 23.56 -31.20 -21.10
CA PRO A 444 24.05 -31.49 -22.45
C PRO A 444 25.58 -31.58 -22.49
N LYS A 445 26.22 -30.87 -23.43
CA LYS A 445 27.67 -30.86 -23.57
C LYS A 445 28.34 -29.51 -23.18
N ILE A 446 27.63 -28.69 -22.42
CA ILE A 446 28.18 -27.40 -22.02
C ILE A 446 28.16 -27.23 -20.48
N SER A 447 29.33 -27.02 -19.90
CA SER A 447 29.45 -26.90 -18.44
C SER A 447 29.03 -25.51 -17.96
N GLU A 448 28.68 -25.42 -16.67
CA GLU A 448 28.33 -24.15 -16.04
C GLU A 448 29.44 -23.10 -16.17
N ARG A 449 30.69 -23.47 -15.87
CA ARG A 449 31.78 -22.51 -15.94
C ARG A 449 31.93 -21.93 -17.34
N ASP A 450 31.77 -22.78 -18.36
CA ASP A 450 32.05 -22.37 -19.75
C ASP A 450 30.96 -21.43 -20.27
N LEU A 451 29.76 -21.54 -19.70
CA LEU A 451 28.69 -20.58 -19.94
C LEU A 451 28.98 -19.27 -19.21
N VAL A 452 29.08 -19.32 -17.88
CA VAL A 452 29.13 -18.06 -17.12
C VAL A 452 30.45 -17.31 -17.13
N VAL A 453 31.57 -18.01 -16.89
CA VAL A 453 32.88 -17.33 -16.79
C VAL A 453 33.23 -16.48 -18.04
N PRO A 454 33.21 -17.06 -19.27
CA PRO A 454 33.51 -16.20 -20.42
C PRO A 454 32.67 -14.90 -20.48
N VAL A 455 31.35 -15.01 -20.28
CA VAL A 455 30.45 -13.85 -20.29
C VAL A 455 30.97 -12.77 -19.33
N LEU A 456 31.27 -13.19 -18.11
CA LEU A 456 31.79 -12.30 -17.08
C LEU A 456 33.19 -11.75 -17.36
N GLN A 457 33.94 -12.42 -18.23
CA GLN A 457 35.28 -11.96 -18.55
C GLN A 457 35.21 -10.89 -19.60
N LEU A 458 34.33 -11.12 -20.59
CA LEU A 458 34.08 -10.16 -21.64
C LEU A 458 33.56 -8.85 -21.06
N PHE A 459 32.59 -8.96 -20.15
CA PHE A 459 32.03 -7.78 -19.49
C PHE A 459 33.08 -6.98 -18.72
N GLN A 460 33.94 -7.65 -17.95
CA GLN A 460 34.95 -6.96 -17.16
C GLN A 460 35.83 -6.13 -18.10
N LYS A 461 36.16 -6.71 -19.26
CA LYS A 461 36.97 -6.07 -20.29
C LYS A 461 36.23 -4.91 -20.98
N GLU A 462 35.06 -5.20 -21.56
CA GLU A 462 34.19 -4.22 -22.23
C GLU A 462 33.89 -2.97 -21.38
N TRP A 463 33.63 -3.17 -20.09
CA TRP A 463 33.40 -2.07 -19.13
C TRP A 463 34.65 -1.22 -18.97
N ASN A 464 35.80 -1.87 -18.81
CA ASN A 464 37.11 -1.20 -18.66
C ASN A 464 37.50 -0.27 -19.82
N ASP A 465 36.69 -0.31 -20.90
CA ASP A 465 36.69 0.71 -21.93
C ASP A 465 35.72 1.81 -21.50
N ILE A 466 36.09 2.49 -20.40
CA ILE A 466 35.30 3.58 -19.81
C ILE A 466 35.70 4.90 -20.51
N LYS A 467 35.43 4.93 -21.82
CA LYS A 467 35.74 6.07 -22.69
C LYS A 467 34.68 7.16 -22.62
N ASN A 468 33.42 6.73 -22.53
CA ASN A 468 32.27 7.63 -22.30
C ASN A 468 32.39 8.31 -20.93
N LYS A 469 33.00 7.63 -19.97
CA LYS A 469 33.22 8.15 -18.62
C LYS A 469 34.62 7.87 -18.06
N ILE A 470 35.56 8.76 -18.38
CA ILE A 470 36.89 8.77 -17.74
C ILE A 470 36.75 9.29 -16.29
N VAL A 471 35.62 9.95 -16.01
CA VAL A 471 35.36 10.60 -14.72
C VAL A 471 34.36 9.85 -13.80
N LYS A 472 33.50 9.00 -14.38
CA LYS A 472 32.52 8.23 -13.61
C LYS A 472 32.80 6.73 -13.55
N CYS A 473 32.88 6.21 -12.32
CA CYS A 473 33.13 4.79 -12.04
C CYS A 473 32.20 4.18 -10.96
N ASP A 474 31.35 5.02 -10.37
CA ASP A 474 30.29 4.56 -9.45
C ASP A 474 29.03 4.10 -10.20
N ALA A 475 29.04 4.27 -11.52
CA ALA A 475 28.00 3.79 -12.43
C ALA A 475 28.01 2.26 -12.64
N LYS A 476 29.06 1.59 -12.14
CA LYS A 476 29.22 0.15 -12.34
C LYS A 476 28.16 -0.65 -11.61
N PRO A 477 27.50 -1.58 -12.34
CA PRO A 477 26.50 -2.46 -11.74
C PRO A 477 27.14 -3.47 -10.82
N ILE A 478 26.48 -3.79 -9.72
CA ILE A 478 26.90 -4.89 -8.87
C ILE A 478 26.65 -6.20 -9.63
N ILE A 479 27.59 -7.15 -9.52
CA ILE A 479 27.48 -8.42 -10.22
C ILE A 479 27.23 -9.55 -9.24
N SER A 480 26.11 -10.23 -9.46
CA SER A 480 25.67 -11.38 -8.69
C SER A 480 25.85 -12.66 -9.52
N ILE A 481 26.53 -13.65 -8.96
CA ILE A 481 26.64 -14.98 -9.61
C ILE A 481 25.70 -15.99 -8.93
N ASP A 482 24.73 -16.44 -9.71
CA ASP A 482 23.76 -17.42 -9.27
C ASP A 482 24.32 -18.84 -9.42
N THR A 483 25.10 -19.27 -8.44
CA THR A 483 25.70 -20.60 -8.47
C THR A 483 25.60 -21.32 -7.12
N ILE A 484 25.81 -22.63 -7.15
CA ILE A 484 25.97 -23.42 -5.93
C ILE A 484 27.28 -24.19 -5.97
N ASN A 485 27.92 -24.19 -7.14
CA ASN A 485 29.16 -24.92 -7.37
C ASN A 485 30.35 -24.10 -6.92
N TYR A 486 31.03 -24.61 -5.89
CA TYR A 486 32.30 -24.06 -5.36
C TYR A 486 33.30 -23.70 -6.47
N ASN A 487 33.42 -24.56 -7.48
CA ASN A 487 34.42 -24.36 -8.52
C ASN A 487 34.15 -23.11 -9.37
N VAL A 488 32.89 -22.89 -9.71
CA VAL A 488 32.48 -21.73 -10.50
C VAL A 488 32.80 -20.43 -9.74
N PHE A 489 32.35 -20.35 -8.49
CA PHE A 489 32.54 -19.15 -7.68
C PHE A 489 34.00 -18.89 -7.36
N LYS A 490 34.77 -19.98 -7.17
CA LYS A 490 36.21 -19.88 -6.93
C LYS A 490 36.86 -19.15 -8.10
N GLU A 491 36.52 -19.53 -9.32
CA GLU A 491 37.12 -18.91 -10.50
C GLU A 491 36.71 -17.45 -10.63
N CYS A 492 35.42 -17.18 -10.40
CA CYS A 492 34.88 -15.81 -10.41
C CYS A 492 35.59 -14.92 -9.38
N VAL A 493 35.78 -15.47 -8.19
CA VAL A 493 36.41 -14.76 -7.07
C VAL A 493 37.89 -14.51 -7.34
N ASP A 494 38.62 -15.54 -7.79
CA ASP A 494 40.03 -15.37 -8.16
C ASP A 494 40.26 -14.34 -9.27
N ASN A 495 39.23 -14.08 -10.07
CA ASN A 495 39.38 -13.21 -11.25
C ASN A 495 38.56 -11.90 -11.17
N ASP A 496 38.19 -11.52 -9.94
CA ASP A 496 37.35 -10.35 -9.65
C ASP A 496 36.22 -10.11 -10.67
N LEU A 497 35.46 -11.18 -10.92
CA LEU A 497 34.41 -11.13 -11.92
C LEU A 497 33.04 -10.85 -11.30
N VAL A 498 32.93 -11.06 -9.99
CA VAL A 498 31.64 -10.94 -9.29
C VAL A 498 31.76 -10.23 -7.93
N ASP A 499 30.61 -9.85 -7.37
CA ASP A 499 30.55 -9.21 -6.07
C ASP A 499 29.75 -10.00 -5.05
N ILE A 500 28.71 -10.68 -5.53
CA ILE A 500 27.75 -11.33 -4.64
C ILE A 500 27.64 -12.80 -5.04
N LEU A 501 27.58 -13.67 -4.04
CA LEU A 501 27.18 -15.04 -4.27
C LEU A 501 25.66 -15.15 -4.10
N ASN A 502 24.97 -15.62 -5.13
CA ASN A 502 23.55 -15.95 -5.03
C ASN A 502 23.39 -17.47 -4.93
N ASP A 503 23.44 -17.98 -3.70
CA ASP A 503 23.35 -19.42 -3.45
C ASP A 503 21.92 -19.84 -3.13
N ILE A 504 21.30 -20.60 -4.04
CA ILE A 504 19.89 -20.97 -3.91
C ILE A 504 19.64 -22.12 -2.92
N SER A 505 20.73 -22.70 -2.41
CA SER A 505 20.67 -23.74 -1.39
C SER A 505 20.96 -23.14 -0.01
N ALA A 506 21.39 -21.88 -0.01
CA ALA A 506 21.81 -21.14 1.19
C ALA A 506 23.12 -21.68 1.78
N CYS A 507 24.03 -22.09 0.89
CA CYS A 507 25.36 -22.62 1.23
C CYS A 507 25.25 -23.92 2.01
N THR A 508 24.17 -24.64 1.72
CA THR A 508 23.81 -25.93 2.29
C THR A 508 24.49 -27.04 1.48
N ASN A 509 24.49 -26.86 0.16
CA ASN A 509 24.91 -27.86 -0.77
C ASN A 509 26.40 -28.15 -0.70
N ASN A 510 27.20 -27.08 -0.61
CA ASN A 510 28.61 -27.20 -0.27
C ASN A 510 29.03 -26.02 0.61
N PRO A 511 29.00 -26.22 1.94
CA PRO A 511 29.30 -25.14 2.88
C PRO A 511 30.73 -24.59 2.76
N GLU A 512 31.64 -25.35 2.17
CA GLU A 512 32.99 -24.89 1.87
C GLU A 512 32.98 -23.55 1.16
N ILE A 513 31.92 -23.29 0.39
CA ILE A 513 31.76 -22.04 -0.36
C ILE A 513 31.84 -20.78 0.55
N ILE A 514 31.41 -20.93 1.80
CA ILE A 514 31.48 -19.86 2.78
C ILE A 514 32.92 -19.38 2.95
N LYS A 515 33.87 -20.29 2.78
CA LYS A 515 35.30 -19.95 2.88
C LYS A 515 35.75 -18.95 1.82
N LEU A 516 35.01 -18.85 0.72
CA LEU A 516 35.38 -17.99 -0.43
C LEU A 516 34.77 -16.57 -0.37
N LEU A 517 34.07 -16.26 0.70
CA LEU A 517 33.42 -14.95 0.86
C LEU A 517 34.32 -14.01 1.63
N LYS A 518 35.35 -14.57 2.25
CA LYS A 518 36.40 -13.77 2.83
C LYS A 518 37.66 -13.93 2.01
N LYS A 519 38.24 -12.78 1.65
CA LYS A 519 39.63 -12.72 1.25
C LYS A 519 40.36 -11.99 2.36
N LYS A 520 41.66 -11.78 2.17
CA LYS A 520 42.47 -11.07 3.14
C LYS A 520 41.98 -9.64 3.30
N ASN A 521 41.49 -9.06 2.20
CA ASN A 521 41.02 -7.69 2.20
C ASN A 521 39.54 -7.50 1.79
N LYS A 522 39.02 -8.38 0.95
CA LYS A 522 37.61 -8.29 0.58
C LYS A 522 36.69 -9.10 1.51
N PHE A 523 35.44 -8.64 1.61
CA PHE A 523 34.33 -9.47 2.01
C PHE A 523 33.34 -9.45 0.85
N TYR A 524 32.77 -10.60 0.50
CA TYR A 524 31.69 -10.66 -0.49
C TYR A 524 30.34 -10.81 0.18
N SER A 525 29.29 -10.28 -0.43
CA SER A 525 27.94 -10.45 0.07
C SER A 525 27.27 -11.67 -0.54
N VAL A 526 26.23 -12.18 0.14
CA VAL A 526 25.62 -13.45 -0.22
C VAL A 526 24.11 -13.37 -0.08
N VAL A 527 23.39 -13.89 -1.07
CA VAL A 527 21.96 -14.07 -0.95
C VAL A 527 21.74 -15.51 -0.47
N LEU A 528 20.90 -15.66 0.56
CA LEU A 528 20.57 -16.97 1.11
C LEU A 528 19.13 -17.27 0.79
N MET A 529 18.94 -18.21 -0.13
CA MET A 529 17.61 -18.59 -0.55
C MET A 529 17.18 -19.87 0.12
N HIS A 530 15.89 -19.97 0.41
CA HIS A 530 15.28 -21.21 0.88
C HIS A 530 14.68 -22.03 -0.24
N LYS A 531 15.08 -23.30 -0.27
CA LYS A 531 14.43 -24.32 -1.10
C LYS A 531 14.49 -25.65 -0.40
N ARG A 532 13.69 -26.60 -0.89
CA ARG A 532 13.87 -28.00 -0.56
C ARG A 532 14.06 -28.76 -1.84
N GLY A 533 14.84 -29.83 -1.75
CA GLY A 533 15.07 -30.75 -2.86
C GLY A 533 15.71 -30.09 -4.08
N ASN A 534 15.50 -30.69 -5.24
CA ASN A 534 16.05 -30.18 -6.49
C ASN A 534 14.89 -29.92 -7.48
N PRO A 535 15.19 -29.37 -8.70
CA PRO A 535 14.11 -28.98 -9.64
C PRO A 535 13.14 -30.12 -10.04
N HIS A 536 13.52 -31.37 -9.80
CA HIS A 536 12.66 -32.53 -10.10
C HIS A 536 11.82 -32.98 -8.91
N THR A 537 12.38 -32.83 -7.71
CA THR A 537 11.84 -33.34 -6.45
C THR A 537 10.95 -32.26 -5.80
N MET A 538 11.17 -31.03 -6.26
CA MET A 538 10.62 -29.78 -5.71
C MET A 538 9.13 -29.67 -5.37
N ASP A 539 8.26 -30.01 -6.32
CA ASP A 539 6.81 -29.77 -6.18
C ASP A 539 6.12 -30.80 -5.30
N LYS A 540 6.90 -31.78 -4.84
CA LYS A 540 6.38 -32.81 -3.96
C LYS A 540 6.81 -32.56 -2.50
N LEU A 541 7.76 -31.65 -2.30
CA LEU A 541 8.28 -31.35 -0.96
C LEU A 541 7.62 -30.10 -0.34
N THR A 542 6.32 -30.22 -0.15
CA THR A 542 5.41 -29.10 0.02
C THR A 542 4.72 -29.01 1.40
N ASN A 543 4.98 -29.99 2.27
CA ASN A 543 4.42 -29.92 3.62
C ASN A 543 5.23 -29.07 4.56
N TYR A 544 4.54 -28.13 5.20
CA TYR A 544 5.12 -27.21 6.15
C TYR A 544 4.15 -27.09 7.32
N ASP A 545 4.67 -27.21 8.55
CA ASP A 545 3.88 -27.03 9.76
C ASP A 545 3.41 -25.59 9.89
N ASN A 546 4.37 -24.67 9.70
CA ASN A 546 4.17 -23.25 9.90
C ASN A 546 4.96 -22.52 8.81
N LEU A 547 4.42 -22.60 7.57
CA LEU A 547 5.08 -22.12 6.36
C LEU A 547 5.92 -20.87 6.54
N VAL A 548 5.29 -19.80 7.01
CA VAL A 548 5.91 -18.47 7.06
C VAL A 548 7.12 -18.47 8.00
N TYR A 549 6.98 -19.09 9.16
CA TYR A 549 8.04 -19.08 10.19
C TYR A 549 9.07 -20.22 10.08
N ASP A 550 8.66 -21.37 9.52
CA ASP A 550 9.60 -22.42 9.14
C ASP A 550 10.69 -21.85 8.20
N ILE A 551 10.25 -21.17 7.14
CA ILE A 551 11.16 -20.59 6.15
C ILE A 551 12.04 -19.52 6.79
N LYS A 552 11.40 -18.62 7.53
CA LYS A 552 12.08 -17.53 8.20
C LYS A 552 13.14 -17.98 9.19
N ASN A 553 12.77 -18.97 9.99
CA ASN A 553 13.65 -19.50 11.01
C ASN A 553 14.76 -20.32 10.38
N TYR A 554 14.45 -20.96 9.26
CA TYR A 554 15.44 -21.65 8.44
C TYR A 554 16.49 -20.64 7.98
N LEU A 555 16.03 -19.47 7.51
CA LEU A 555 16.96 -18.45 7.03
C LEU A 555 17.80 -17.86 8.17
N GLU A 556 17.15 -17.60 9.30
CA GLU A 556 17.85 -17.20 10.51
C GLU A 556 18.93 -18.22 10.93
N GLN A 557 18.59 -19.49 11.02
CA GLN A 557 19.57 -20.53 11.31
C GLN A 557 20.78 -20.48 10.37
N ARG A 558 20.51 -20.33 9.08
CA ARG A 558 21.55 -20.27 8.08
C ARG A 558 22.44 -19.04 8.25
N LEU A 559 21.81 -17.87 8.49
CA LEU A 559 22.55 -16.64 8.79
C LEU A 559 23.44 -16.83 10.04
N ASN A 560 22.86 -17.34 11.14
CA ASN A 560 23.63 -17.63 12.35
C ASN A 560 24.85 -18.47 12.04
N PHE A 561 24.71 -19.37 11.08
CA PHE A 561 25.82 -20.22 10.68
C PHE A 561 26.92 -19.47 9.90
N LEU A 562 26.56 -18.58 8.97
CA LEU A 562 27.58 -17.76 8.32
C LEU A 562 28.21 -16.79 9.32
N VAL A 563 27.37 -16.20 10.19
CA VAL A 563 27.83 -15.21 11.19
C VAL A 563 28.90 -15.79 12.13
N LEU A 564 28.64 -16.99 12.66
CA LEU A 564 29.60 -17.78 13.43
C LEU A 564 30.94 -17.99 12.70
N ASN A 565 30.88 -18.05 11.37
CA ASN A 565 32.07 -18.26 10.57
C ASN A 565 32.67 -16.98 10.01
N GLY A 566 32.24 -15.84 10.60
CA GLY A 566 32.89 -14.56 10.42
C GLY A 566 32.52 -13.83 9.15
N ILE A 567 31.33 -14.14 8.63
CA ILE A 567 30.72 -13.38 7.54
C ILE A 567 29.91 -12.26 8.16
N PRO A 568 30.21 -11.00 7.77
CA PRO A 568 29.51 -9.82 8.31
C PRO A 568 28.01 -9.96 8.13
N ARG A 569 27.30 -9.93 9.26
CA ARG A 569 25.84 -10.02 9.32
C ARG A 569 25.13 -9.08 8.32
N TYR A 570 25.67 -7.88 8.17
CA TYR A 570 25.14 -6.86 7.26
C TYR A 570 25.38 -7.16 5.77
N ARG A 571 26.02 -8.30 5.46
CA ARG A 571 26.30 -8.71 4.08
C ARG A 571 25.46 -9.90 3.64
N ILE A 572 24.52 -10.27 4.49
CA ILE A 572 23.67 -11.43 4.27
C ILE A 572 22.26 -10.98 3.94
N LEU A 573 21.79 -11.33 2.75
CA LEU A 573 20.43 -11.01 2.31
C LEU A 573 19.52 -12.25 2.38
N PHE A 574 18.25 -12.06 2.73
CA PHE A 574 17.29 -13.15 2.89
C PHE A 574 16.47 -13.28 1.64
N ASP A 575 16.11 -14.52 1.30
CA ASP A 575 15.26 -14.82 0.14
C ASP A 575 14.34 -16.00 0.44
N ILE A 576 13.05 -15.78 0.33
CA ILE A 576 12.03 -16.78 0.70
C ILE A 576 11.90 -17.94 -0.30
N GLY A 577 12.50 -17.77 -1.49
CA GLY A 577 12.54 -18.79 -2.53
C GLY A 577 11.20 -19.11 -3.16
N LEU A 578 10.48 -18.08 -3.61
CA LEU A 578 9.18 -18.25 -4.27
C LEU A 578 9.22 -19.30 -5.38
N GLY A 579 8.24 -20.19 -5.36
CA GLY A 579 8.15 -21.32 -6.31
C GLY A 579 9.13 -22.49 -6.14
N PHE A 580 9.99 -22.45 -5.12
CA PHE A 580 10.91 -23.55 -4.82
C PHE A 580 10.40 -24.37 -3.65
N ALA A 581 9.78 -25.51 -3.93
CA ALA A 581 9.13 -26.35 -2.91
C ALA A 581 8.00 -25.58 -2.26
N LYS A 582 7.23 -24.90 -3.10
CA LYS A 582 6.05 -24.14 -2.69
C LYS A 582 4.95 -24.28 -3.74
N LYS A 583 3.79 -24.74 -3.30
CA LYS A 583 2.55 -24.64 -4.09
C LYS A 583 2.24 -23.16 -4.34
N HIS A 584 1.46 -22.88 -5.38
CA HIS A 584 1.13 -21.50 -5.73
C HIS A 584 0.50 -20.66 -4.63
N ASP A 585 -0.39 -21.28 -3.86
CA ASP A 585 -1.02 -20.61 -2.74
C ASP A 585 -0.03 -20.30 -1.61
N GLN A 586 0.96 -21.18 -1.43
CA GLN A 586 2.07 -20.96 -0.48
C GLN A 586 2.99 -19.82 -0.92
N SER A 587 3.34 -19.75 -2.21
CA SER A 587 4.07 -18.58 -2.74
C SER A 587 3.31 -17.26 -2.48
N ILE A 588 1.99 -17.28 -2.73
CA ILE A 588 1.14 -16.13 -2.39
C ILE A 588 1.20 -15.84 -0.87
N LYS A 589 1.01 -16.87 -0.05
CA LYS A 589 0.97 -16.70 1.41
C LYS A 589 2.26 -16.08 1.96
N LEU A 590 3.40 -16.52 1.43
CA LEU A 590 4.70 -15.95 1.79
C LEU A 590 4.77 -14.46 1.50
N LEU A 591 4.33 -14.04 0.31
CA LEU A 591 4.24 -12.62 -0.04
C LEU A 591 3.32 -11.84 0.89
N GLN A 592 2.12 -12.38 1.12
CA GLN A 592 1.17 -11.78 2.05
C GLN A 592 1.80 -11.52 3.41
N ASN A 593 2.75 -12.36 3.79
CA ASN A 593 3.40 -12.24 5.09
C ASN A 593 4.87 -11.84 4.99
N ILE A 594 5.19 -10.96 4.05
CA ILE A 594 6.55 -10.50 3.80
C ILE A 594 7.06 -9.56 4.91
N HIS A 595 6.13 -8.96 5.67
CA HIS A 595 6.43 -8.00 6.77
C HIS A 595 7.32 -8.65 7.83
N VAL A 596 7.22 -9.97 7.89
CA VAL A 596 8.01 -10.85 8.71
C VAL A 596 9.54 -10.60 8.55
N TYR A 597 9.92 -9.93 7.46
CA TYR A 597 11.31 -9.59 7.15
C TYR A 597 11.61 -8.09 7.27
N ASP A 598 10.76 -7.38 8.01
CA ASP A 598 10.91 -5.94 8.23
C ASP A 598 12.23 -5.53 8.85
N GLU A 599 12.84 -6.43 9.63
CA GLU A 599 14.16 -6.16 10.20
C GLU A 599 15.30 -6.54 9.25
N TYR A 600 15.03 -7.31 8.20
CA TYR A 600 16.09 -7.94 7.38
C TYR A 600 16.28 -7.39 5.95
N PRO A 601 17.51 -7.51 5.40
CA PRO A 601 17.71 -7.23 3.96
C PRO A 601 17.04 -8.32 3.12
N LEU A 602 16.12 -7.91 2.27
CA LEU A 602 15.24 -8.86 1.64
C LEU A 602 15.33 -8.81 0.12
N PHE A 603 15.39 -10.01 -0.45
CA PHE A 603 15.73 -10.21 -1.82
C PHE A 603 14.70 -11.23 -2.27
N ILE A 604 13.93 -10.93 -3.30
CA ILE A 604 12.91 -11.87 -3.79
C ILE A 604 12.97 -11.99 -5.29
N GLY A 605 12.54 -13.16 -5.79
CA GLY A 605 12.43 -13.43 -7.20
C GLY A 605 11.06 -13.96 -7.51
N TYR A 606 10.21 -13.14 -8.08
CA TYR A 606 8.88 -13.58 -8.52
C TYR A 606 8.83 -13.72 -10.04
N SER A 607 9.81 -13.13 -10.71
CA SER A 607 9.75 -12.88 -12.14
C SER A 607 9.48 -14.10 -13.00
N ARG A 608 8.35 -14.04 -13.70
CA ARG A 608 7.88 -15.09 -14.63
C ARG A 608 7.69 -16.46 -13.99
N LYS A 609 7.36 -16.48 -12.71
CA LYS A 609 7.09 -17.73 -12.04
C LYS A 609 5.65 -18.15 -12.25
N ARG A 610 5.44 -19.46 -12.17
CA ARG A 610 4.18 -20.13 -12.42
C ARG A 610 3.02 -19.59 -11.60
N PHE A 611 3.32 -19.14 -10.38
CA PHE A 611 2.27 -18.77 -9.40
C PHE A 611 1.58 -17.45 -9.73
N ILE A 612 2.26 -16.58 -10.47
CA ILE A 612 1.70 -15.32 -10.95
C ILE A 612 0.48 -15.62 -11.84
N THR A 613 0.67 -16.58 -12.74
CA THR A 613 -0.36 -17.06 -13.67
C THR A 613 -1.52 -17.72 -12.94
N HIS A 614 -1.23 -18.41 -11.84
CA HIS A 614 -2.25 -19.01 -10.97
C HIS A 614 -3.27 -17.99 -10.44
N CYS A 615 -2.82 -16.75 -10.22
CA CYS A 615 -3.65 -15.61 -9.74
C CYS A 615 -4.71 -15.16 -10.74
N MET A 616 -4.40 -15.25 -12.03
CA MET A 616 -5.21 -14.74 -13.12
C MET A 616 -6.53 -15.51 -13.32
N ASN A 617 -7.61 -14.76 -13.55
CA ASN A 617 -8.93 -15.31 -13.92
C ASN A 617 -9.07 -15.42 -15.45
N ASP A 618 -10.06 -16.19 -15.92
CA ASP A 618 -10.34 -16.33 -17.35
C ASP A 618 -11.78 -15.97 -17.71
N ASP A 657 -1.24 -17.61 -30.23
CA ASP A 657 -1.63 -16.45 -29.43
C ASP A 657 -1.84 -16.77 -27.95
N LYS A 658 -2.20 -18.02 -27.65
CA LYS A 658 -2.42 -18.50 -26.28
C LYS A 658 -1.14 -18.41 -25.43
N ASP A 659 -0.01 -18.76 -26.04
CA ASP A 659 1.31 -18.83 -25.39
C ASP A 659 1.89 -17.44 -25.10
N GLN A 660 1.95 -16.57 -26.11
CA GLN A 660 2.41 -15.18 -25.94
C GLN A 660 1.44 -14.33 -25.09
N LEU A 661 0.17 -14.71 -25.09
CA LEU A 661 -0.89 -14.05 -24.32
C LEU A 661 -0.62 -14.22 -22.83
N LEU A 662 -0.61 -15.47 -22.36
CA LEU A 662 -0.35 -15.82 -20.94
C LEU A 662 1.00 -15.30 -20.44
N TYR A 663 1.95 -15.23 -21.36
CA TYR A 663 3.26 -14.63 -21.18
C TYR A 663 3.16 -13.12 -20.87
N GLN A 664 2.28 -12.39 -21.57
CA GLN A 664 2.02 -10.97 -21.30
C GLN A 664 1.43 -10.77 -19.91
N LYS A 665 0.39 -11.53 -19.60
CA LYS A 665 -0.28 -11.50 -18.30
C LYS A 665 0.68 -11.73 -17.15
N ASN A 666 1.66 -12.61 -17.37
CA ASN A 666 2.63 -13.00 -16.35
C ASN A 666 3.63 -11.89 -16.08
N ILE A 667 4.05 -11.19 -17.13
CA ILE A 667 4.96 -10.05 -16.96
C ILE A 667 4.22 -8.92 -16.24
N CYS A 668 2.95 -8.72 -16.57
CA CYS A 668 2.14 -7.66 -15.97
C CYS A 668 1.72 -8.00 -14.55
N GLY A 669 1.46 -9.28 -14.30
CA GLY A 669 1.28 -9.76 -12.93
C GLY A 669 2.52 -9.51 -12.07
N GLY A 670 3.69 -9.61 -12.70
CA GLY A 670 4.97 -9.37 -12.03
C GLY A 670 5.17 -7.91 -11.67
N LEU A 671 4.57 -7.02 -12.46
CA LEU A 671 4.64 -5.59 -12.19
C LEU A 671 3.76 -5.24 -10.99
N ALA A 672 2.66 -5.98 -10.85
CA ALA A 672 1.81 -5.91 -9.66
C ALA A 672 2.58 -6.28 -8.39
N ILE A 673 3.40 -7.33 -8.46
CA ILE A 673 4.27 -7.70 -7.34
C ILE A 673 5.37 -6.65 -7.12
N ALA A 674 5.90 -6.07 -8.21
CA ALA A 674 6.84 -4.94 -8.11
C ALA A 674 6.23 -3.76 -7.33
N SER A 675 4.94 -3.50 -7.57
CA SER A 675 4.23 -2.47 -6.84
C SER A 675 4.12 -2.84 -5.36
N TYR A 676 3.80 -4.12 -5.10
CA TYR A 676 3.60 -4.61 -3.75
C TYR A 676 4.93 -4.57 -3.01
N SER A 677 6.00 -4.98 -3.70
CA SER A 677 7.36 -4.94 -3.16
C SER A 677 7.77 -3.53 -2.78
N TYR A 678 7.41 -2.54 -3.62
CA TYR A 678 7.65 -1.13 -3.33
C TYR A 678 7.05 -0.70 -1.99
N TYR A 679 5.77 -1.00 -1.80
CA TYR A 679 5.09 -0.60 -0.58
C TYR A 679 5.50 -1.37 0.64
N LYS A 680 5.95 -2.60 0.45
CA LYS A 680 6.47 -3.40 1.54
C LYS A 680 7.96 -3.15 1.79
N LYS A 681 8.54 -2.25 1.00
CA LYS A 681 9.91 -1.81 1.15
C LYS A 681 10.94 -2.93 0.99
N VAL A 682 10.67 -3.84 0.05
CA VAL A 682 11.57 -4.96 -0.27
C VAL A 682 12.88 -4.39 -0.81
N ASP A 683 14.02 -4.90 -0.34
CA ASP A 683 15.30 -4.29 -0.71
C ASP A 683 15.78 -4.57 -2.13
N LEU A 684 15.61 -5.82 -2.60
CA LEU A 684 16.00 -6.23 -3.95
C LEU A 684 14.96 -7.15 -4.61
N ILE A 685 14.64 -6.86 -5.87
CA ILE A 685 13.82 -7.74 -6.67
C ILE A 685 14.57 -8.25 -7.91
N ARG A 686 14.50 -9.55 -8.13
CA ARG A 686 15.22 -10.21 -9.21
C ARG A 686 14.29 -10.34 -10.42
N VAL A 687 14.50 -9.52 -11.44
CA VAL A 687 13.56 -9.45 -12.57
C VAL A 687 14.21 -9.66 -13.93
N HIS A 688 13.43 -10.23 -14.83
CA HIS A 688 13.75 -10.32 -16.26
C HIS A 688 13.57 -8.99 -16.98
N ASP A 689 12.43 -8.35 -16.73
CA ASP A 689 11.96 -7.20 -17.50
C ASP A 689 12.33 -5.92 -16.75
N VAL A 690 13.56 -5.45 -16.96
CA VAL A 690 14.14 -4.33 -16.18
C VAL A 690 13.47 -2.98 -16.48
N LEU A 691 13.48 -2.55 -17.74
CA LEU A 691 12.82 -1.30 -18.14
C LEU A 691 11.38 -1.19 -17.60
N GLU A 692 10.61 -2.25 -17.74
CA GLU A 692 9.23 -2.30 -17.27
C GLU A 692 9.14 -2.13 -15.74
N THR A 693 10.03 -2.83 -15.04
CA THR A 693 10.08 -2.74 -13.59
C THR A 693 10.56 -1.36 -13.13
N LYS A 694 11.54 -0.77 -13.82
CA LYS A 694 12.05 0.56 -13.48
C LYS A 694 10.99 1.66 -13.68
N SER A 695 10.11 1.44 -14.65
CA SER A 695 9.03 2.35 -14.93
C SER A 695 8.03 2.39 -13.78
N VAL A 696 7.74 1.22 -13.22
CA VAL A 696 6.79 1.12 -12.12
C VAL A 696 7.35 1.83 -10.90
N LEU A 697 8.58 1.48 -10.53
CA LEU A 697 9.24 2.05 -9.36
C LEU A 697 9.34 3.57 -9.44
N ASP A 698 9.79 4.07 -10.60
CA ASP A 698 9.88 5.51 -10.85
C ASP A 698 8.58 6.28 -10.61
N VAL A 699 7.45 5.70 -11.05
CA VAL A 699 6.16 6.36 -10.89
C VAL A 699 5.74 6.34 -9.44
N LEU A 700 5.91 5.19 -8.79
CA LEU A 700 5.53 5.05 -7.38
C LEU A 700 6.35 5.98 -6.50
N THR A 701 7.66 6.04 -6.77
CA THR A 701 8.56 6.98 -6.13
C THR A 701 8.09 8.43 -6.28
N LYS A 702 7.70 8.81 -7.50
CA LYS A 702 7.14 10.15 -7.76
C LYS A 702 5.91 10.44 -6.92
N ILE A 703 4.95 9.53 -6.93
CA ILE A 703 3.72 9.70 -6.15
C ILE A 703 4.04 9.86 -4.66
N ASP A 704 5.08 9.19 -4.21
CA ASP A 704 5.54 9.31 -2.82
C ASP A 704 6.37 10.54 -2.49
N GLN A 705 6.91 11.20 -3.50
CA GLN A 705 7.77 12.35 -3.29
C GLN A 705 6.91 13.58 -3.02
N VAL A 706 6.53 13.78 -1.76
CA VAL A 706 5.74 14.95 -1.36
C VAL A 706 6.69 16.05 -0.89
N LYS A 707 7.28 16.73 -1.87
CA LYS A 707 8.13 17.89 -1.65
C LYS A 707 7.50 19.09 -2.40
N ASP A 708 6.75 19.90 -1.66
CA ASP A 708 5.95 21.03 -2.20
C ASP A 708 5.01 20.62 -3.34
N GLN B 5 -61.93 19.45 9.76
CA GLN B 5 -60.66 19.78 9.06
C GLN B 5 -60.76 19.52 7.55
N GLU B 6 -61.87 19.95 6.96
CA GLU B 6 -62.21 19.64 5.56
C GLU B 6 -61.36 20.34 4.49
N LEU B 7 -60.71 21.45 4.87
CA LEU B 7 -59.85 22.23 3.96
C LEU B 7 -58.56 21.50 3.54
N ILE B 8 -58.42 20.25 3.96
CA ILE B 8 -57.39 19.32 3.47
C ILE B 8 -57.53 19.07 1.97
N LEU B 9 -58.77 19.12 1.49
CA LEU B 9 -59.09 18.94 0.08
C LEU B 9 -59.28 20.26 -0.68
N SER B 10 -58.82 21.37 -0.07
CA SER B 10 -58.76 22.67 -0.74
C SER B 10 -58.03 22.54 -2.06
N GLU B 11 -58.67 22.98 -3.14
CA GLU B 11 -58.06 22.93 -4.47
C GLU B 11 -57.06 24.07 -4.73
N GLU B 12 -56.84 24.91 -3.71
CA GLU B 12 -55.87 26.02 -3.77
C GLU B 12 -54.46 25.46 -3.56
N ASN B 13 -53.66 25.49 -4.63
CA ASN B 13 -52.36 24.83 -4.67
C ASN B 13 -51.29 25.43 -3.76
N LYS B 14 -50.69 24.55 -2.95
CA LYS B 14 -49.58 24.88 -2.07
C LYS B 14 -48.26 24.38 -2.64
N THR B 15 -47.16 24.93 -2.12
CA THR B 15 -45.82 24.39 -2.36
C THR B 15 -45.29 23.98 -0.99
N ASN B 16 -44.86 22.72 -0.88
CA ASN B 16 -44.44 22.16 0.42
C ASN B 16 -43.14 21.37 0.33
N ILE B 17 -42.38 21.36 1.43
CA ILE B 17 -41.16 20.55 1.52
C ILE B 17 -41.36 19.32 2.41
N ALA B 18 -41.17 18.15 1.80
CA ALA B 18 -41.34 16.85 2.45
C ALA B 18 -40.13 15.93 2.22
N VAL B 19 -39.55 15.45 3.32
CA VAL B 19 -38.39 14.56 3.26
C VAL B 19 -38.85 13.12 3.46
N LEU B 20 -38.56 12.27 2.49
CA LEU B 20 -38.99 10.87 2.53
C LEU B 20 -37.82 9.91 2.73
N ASN B 21 -38.17 8.70 3.17
CA ASN B 21 -37.25 7.58 3.35
C ASN B 21 -37.83 6.42 2.57
N LEU B 22 -37.00 5.71 1.81
CA LEU B 22 -37.48 4.52 1.11
C LEU B 22 -36.56 3.31 1.26
N GLY B 23 -37.17 2.21 1.71
CA GLY B 23 -36.45 0.96 2.00
C GLY B 23 -37.08 -0.27 1.37
N THR B 24 -36.21 -1.18 0.94
CA THR B 24 -36.60 -2.48 0.41
C THR B 24 -35.64 -3.53 1.00
N ASN B 25 -36.01 -4.81 0.97
CA ASN B 25 -35.03 -5.85 1.31
C ASN B 25 -34.67 -6.82 0.18
N ASP B 26 -35.28 -6.63 -0.99
CA ASP B 26 -34.91 -7.38 -2.18
C ASP B 26 -33.61 -6.81 -2.77
N ARG B 27 -32.47 -7.43 -2.40
CA ARG B 27 -31.13 -7.03 -2.88
C ARG B 27 -31.00 -7.09 -4.41
N ARG B 28 -31.48 -8.18 -5.00
CA ARG B 28 -31.39 -8.44 -6.44
C ARG B 28 -32.08 -7.33 -7.24
N ASN B 29 -33.08 -6.69 -6.62
CA ASN B 29 -33.90 -5.70 -7.31
C ASN B 29 -33.94 -4.31 -6.67
N ALA B 30 -33.09 -4.06 -5.68
CA ALA B 30 -33.05 -2.76 -4.97
C ALA B 30 -33.08 -1.56 -5.91
N VAL B 31 -32.14 -1.51 -6.85
CA VAL B 31 -32.08 -0.44 -7.87
C VAL B 31 -33.43 -0.31 -8.58
N LEU B 32 -33.91 -1.41 -9.15
CA LEU B 32 -35.17 -1.44 -9.90
C LEU B 32 -36.35 -1.00 -9.04
N ILE B 33 -36.44 -1.54 -7.82
CA ILE B 33 -37.54 -1.24 -6.90
C ILE B 33 -37.51 0.22 -6.45
N LEU B 34 -36.37 0.66 -5.94
CA LEU B 34 -36.20 2.01 -5.38
C LEU B 34 -36.21 3.14 -6.44
N GLU B 35 -35.72 2.86 -7.64
CA GLU B 35 -35.86 3.84 -8.74
C GLU B 35 -37.28 3.90 -9.33
N THR B 36 -38.06 2.83 -9.12
CA THR B 36 -39.50 2.81 -9.46
C THR B 36 -40.29 3.63 -8.45
N ALA B 37 -39.99 3.48 -7.16
CA ALA B 37 -40.56 4.33 -6.11
C ALA B 37 -40.31 5.80 -6.41
N LEU B 38 -39.05 6.13 -6.70
CA LEU B 38 -38.58 7.47 -7.09
C LEU B 38 -39.38 8.09 -8.22
N HIS B 39 -39.58 7.33 -9.30
CA HIS B 39 -40.34 7.82 -10.43
C HIS B 39 -41.80 8.08 -10.13
N LEU B 40 -42.38 7.22 -9.30
CA LEU B 40 -43.78 7.37 -8.88
C LEU B 40 -43.92 8.58 -7.96
N VAL B 41 -42.97 8.74 -7.03
CA VAL B 41 -42.90 9.92 -6.15
C VAL B 41 -42.82 11.23 -6.96
N GLU B 42 -41.97 11.22 -7.98
CA GLU B 42 -41.83 12.32 -8.93
C GLU B 42 -43.18 12.58 -9.61
N LYS B 43 -43.78 11.53 -10.15
CA LYS B 43 -45.06 11.63 -10.87
C LYS B 43 -46.23 12.10 -10.00
N TYR B 44 -46.39 11.48 -8.83
CA TYR B 44 -47.58 11.68 -7.99
C TYR B 44 -47.44 12.63 -6.78
N LEU B 45 -46.25 13.18 -6.56
CA LEU B 45 -46.06 14.06 -5.38
C LEU B 45 -45.47 15.44 -5.63
N GLY B 46 -44.59 15.58 -6.62
CA GLY B 46 -43.96 16.87 -6.85
C GLY B 46 -42.64 16.79 -7.57
N LYS B 47 -41.61 17.43 -7.02
CA LYS B 47 -40.27 17.44 -7.66
C LYS B 47 -39.18 16.97 -6.72
N ILE B 48 -38.38 15.99 -7.15
CA ILE B 48 -37.25 15.53 -6.35
C ILE B 48 -36.09 16.52 -6.46
N ILE B 49 -35.67 17.07 -5.33
CA ILE B 49 -34.65 18.11 -5.34
C ILE B 49 -33.45 17.79 -4.45
N ASN B 50 -33.45 16.57 -3.89
CA ASN B 50 -32.32 16.05 -3.14
C ASN B 50 -32.50 14.56 -2.97
N THR B 51 -31.39 13.83 -2.91
CA THR B 51 -31.39 12.40 -2.60
C THR B 51 -30.10 12.06 -1.86
N SER B 52 -30.15 11.00 -1.06
CA SER B 52 -28.96 10.51 -0.39
C SER B 52 -28.32 9.48 -1.29
N TYR B 53 -27.23 8.89 -0.83
CA TYR B 53 -26.70 7.69 -1.46
C TYR B 53 -27.63 6.50 -1.15
N LEU B 54 -27.42 5.43 -1.90
CA LEU B 54 -27.98 4.12 -1.59
C LEU B 54 -27.09 3.50 -0.53
N TYR B 55 -27.70 2.90 0.49
CA TYR B 55 -26.97 2.20 1.56
C TYR B 55 -27.46 0.79 1.79
N GLU B 56 -26.52 -0.14 1.85
CA GLU B 56 -26.81 -1.47 2.41
C GLU B 56 -26.71 -1.33 3.93
N THR B 57 -27.80 -1.66 4.61
CA THR B 57 -27.88 -1.40 6.04
C THR B 57 -28.38 -2.58 6.88
N VAL B 58 -27.71 -2.75 8.01
CA VAL B 58 -28.03 -3.76 9.02
C VAL B 58 -29.09 -3.21 9.97
N PRO B 59 -30.06 -4.06 10.38
CA PRO B 59 -31.02 -3.78 11.46
C PRO B 59 -30.39 -3.34 12.79
N GLU B 60 -31.13 -2.53 13.55
CA GLU B 60 -30.59 -1.61 14.59
C GLU B 60 -30.43 -2.13 16.04
N TYR B 61 -30.36 -3.45 16.20
CA TYR B 61 -29.73 -4.05 17.37
C TYR B 61 -28.72 -4.99 16.72
N ILE B 62 -28.21 -6.01 17.41
CA ILE B 62 -27.28 -6.98 16.78
C ILE B 62 -26.05 -6.31 16.12
N TYR B 84 -42.62 -8.10 -14.02
CA TYR B 84 -43.96 -7.52 -14.04
C TYR B 84 -44.00 -6.00 -13.79
N ILE B 85 -42.90 -5.46 -13.25
CA ILE B 85 -42.75 -4.02 -12.98
C ILE B 85 -42.69 -3.23 -14.28
N ASN B 86 -42.02 -3.80 -15.29
CA ASN B 86 -41.85 -3.19 -16.61
C ASN B 86 -43.17 -3.07 -17.39
N GLU B 87 -44.06 -4.03 -17.19
CA GLU B 87 -45.40 -4.01 -17.80
C GLU B 87 -46.38 -3.11 -17.03
N LEU B 88 -46.27 -3.10 -15.70
CA LEU B 88 -47.10 -2.21 -14.88
C LEU B 88 -46.67 -0.74 -14.98
N MET B 89 -45.40 -0.50 -15.33
CA MET B 89 -44.85 0.86 -15.51
C MET B 89 -45.50 1.65 -16.64
N GLN B 90 -45.90 0.96 -17.71
CA GLN B 90 -46.49 1.61 -18.88
C GLN B 90 -47.89 2.17 -18.60
N ASN B 91 -48.79 1.32 -18.10
CA ASN B 91 -50.12 1.76 -17.70
C ASN B 91 -50.16 2.22 -16.25
N LEU B 92 -50.13 3.55 -16.08
CA LEU B 92 -50.18 4.17 -14.77
C LEU B 92 -51.12 5.35 -14.84
N GLU B 93 -51.98 5.47 -13.84
CA GLU B 93 -52.88 6.61 -13.71
C GLU B 93 -52.10 7.91 -13.82
N GLU B 94 -52.59 8.80 -14.67
CA GLU B 94 -51.98 10.10 -14.88
C GLU B 94 -52.22 11.00 -13.68
N SER B 95 -51.25 11.85 -13.37
CA SER B 95 -51.37 12.83 -12.31
C SER B 95 -52.30 13.95 -12.76
N LYS B 96 -52.97 14.58 -11.79
CA LYS B 96 -53.74 15.81 -12.06
C LYS B 96 -52.84 17.04 -12.12
N TYR B 97 -51.61 16.91 -11.60
CA TYR B 97 -50.58 17.93 -11.79
C TYR B 97 -49.71 17.60 -13.01
N GLU B 98 -48.81 18.52 -13.35
CA GLU B 98 -48.14 18.51 -14.67
C GLU B 98 -46.64 18.77 -14.55
N GLU B 99 -45.85 18.11 -15.40
CA GLU B 99 -44.38 18.09 -15.19
C GLU B 99 -43.53 18.93 -16.13
N ASN B 100 -42.59 19.62 -15.51
CA ASN B 100 -41.53 20.35 -16.18
C ASN B 100 -40.23 19.67 -15.79
N LYS B 101 -39.60 19.05 -16.80
CA LYS B 101 -38.27 18.48 -16.64
C LYS B 101 -37.19 19.57 -16.62
N GLU B 102 -37.63 20.82 -16.77
CA GLU B 102 -36.77 22.01 -16.82
C GLU B 102 -35.85 22.17 -15.62
N LEU B 103 -34.71 22.83 -15.87
CA LEU B 103 -33.62 22.98 -14.90
C LEU B 103 -33.83 24.16 -13.98
N ILE B 104 -33.35 24.02 -12.74
CA ILE B 104 -33.44 25.07 -11.71
C ILE B 104 -32.08 25.32 -11.03
N ASP B 105 -31.84 26.56 -10.61
CA ASP B 105 -30.58 26.99 -10.01
C ASP B 105 -30.68 27.00 -8.48
N LYS B 106 -31.86 27.34 -8.00
CA LYS B 106 -32.15 27.58 -6.59
C LYS B 106 -33.57 27.06 -6.36
N CYS B 107 -33.96 26.93 -5.09
CA CYS B 107 -35.35 26.67 -4.74
C CYS B 107 -35.63 27.48 -3.49
N GLU B 108 -36.53 28.45 -3.61
CA GLU B 108 -36.81 29.37 -2.50
C GLU B 108 -37.45 28.67 -1.30
N GLU B 109 -38.43 27.81 -1.59
CA GLU B 109 -39.13 27.01 -0.57
C GLU B 109 -38.18 26.14 0.23
N TYR B 110 -37.33 25.40 -0.48
CA TYR B 110 -36.34 24.51 0.10
C TYR B 110 -35.31 25.26 0.91
N GLU B 111 -34.90 26.44 0.44
CA GLU B 111 -33.97 27.27 1.18
C GLU B 111 -34.59 27.70 2.50
N THR B 112 -35.91 27.94 2.47
CA THR B 112 -36.70 28.28 3.68
C THR B 112 -36.80 27.09 4.65
N PHE B 113 -37.08 25.90 4.10
CA PHE B 113 -37.07 24.65 4.88
C PHE B 113 -35.74 24.42 5.63
N LEU B 114 -34.62 24.69 4.96
CA LEU B 114 -33.28 24.55 5.54
C LEU B 114 -32.96 25.50 6.69
N LYS B 115 -33.38 26.76 6.57
CA LYS B 115 -33.15 27.76 7.62
C LYS B 115 -34.27 27.78 8.66
N ASN B 116 -35.32 26.99 8.41
CA ASN B 116 -36.50 26.86 9.30
C ASN B 116 -37.50 27.98 9.17
N GLY B 117 -37.24 28.88 8.23
CA GLY B 117 -37.97 30.15 8.07
C GLY B 117 -39.48 30.04 8.01
N LYS B 118 -40.12 31.20 8.12
CA LYS B 118 -41.56 31.30 8.29
C LYS B 118 -42.36 30.75 7.12
N VAL B 119 -43.05 29.65 7.44
CA VAL B 119 -43.86 28.90 6.50
C VAL B 119 -45.30 28.98 7.03
N ASP B 120 -46.26 28.92 6.12
CA ASP B 120 -47.69 28.93 6.48
C ASP B 120 -47.98 27.82 7.48
N ASN B 121 -48.79 28.17 8.47
CA ASN B 121 -49.09 27.30 9.60
C ASN B 121 -49.69 25.96 9.18
N SER B 122 -49.54 24.98 10.06
CA SER B 122 -50.00 23.62 9.77
C SER B 122 -51.51 23.50 9.76
N ILE B 123 -51.97 22.85 8.70
CA ILE B 123 -53.37 22.49 8.50
C ILE B 123 -53.85 21.52 9.59
N LEU B 124 -53.08 20.46 9.83
CA LEU B 124 -53.38 19.49 10.88
C LEU B 124 -53.00 20.07 12.25
N LYS B 125 -53.55 19.51 13.31
CA LYS B 125 -53.23 19.96 14.66
C LYS B 125 -51.80 19.58 15.03
N GLU B 126 -51.06 20.54 15.59
CA GLU B 126 -49.68 20.32 16.00
C GLU B 126 -49.55 20.12 17.51
N VAL B 127 -48.99 18.97 17.89
CA VAL B 127 -48.63 18.71 19.30
C VAL B 127 -47.28 19.35 19.63
N ASN B 128 -47.06 19.66 20.91
CA ASN B 128 -45.79 20.26 21.36
C ASN B 128 -44.68 19.22 21.49
N VAL B 129 -43.45 19.69 21.68
CA VAL B 129 -42.22 18.87 21.70
C VAL B 129 -42.21 17.84 22.84
N GLU B 130 -42.48 18.30 24.06
CA GLU B 130 -42.50 17.43 25.24
C GLU B 130 -43.59 16.35 25.12
N ASN B 131 -44.76 16.75 24.61
CA ASN B 131 -45.85 15.82 24.29
C ASN B 131 -45.46 14.85 23.17
N TYR B 132 -44.76 15.36 22.15
CA TYR B 132 -44.27 14.56 21.01
C TYR B 132 -43.23 13.52 21.41
N LEU B 133 -42.30 13.92 22.28
CA LEU B 133 -41.21 13.04 22.72
C LEU B 133 -41.72 11.78 23.43
N LEU B 134 -42.68 11.98 24.33
CA LEU B 134 -43.27 10.90 25.12
C LEU B 134 -44.05 9.89 24.27
N GLU B 135 -44.77 10.39 23.28
CA GLU B 135 -45.50 9.53 22.33
C GLU B 135 -44.56 8.61 21.54
N CYS B 136 -43.40 9.15 21.16
CA CYS B 136 -42.36 8.39 20.43
C CYS B 136 -41.55 7.47 21.34
N ASN B 137 -41.31 7.92 22.58
CA ASN B 137 -40.78 7.06 23.65
C ASN B 137 -41.57 5.75 23.66
N ASN B 138 -42.90 5.89 23.80
CA ASN B 138 -43.84 4.77 23.85
C ASN B 138 -43.74 3.83 22.64
N ILE B 139 -43.84 4.37 21.44
CA ILE B 139 -43.83 3.57 20.19
C ILE B 139 -42.54 2.74 20.02
N ILE B 140 -41.39 3.33 20.36
CA ILE B 140 -40.10 2.61 20.35
C ILE B 140 -40.11 1.47 21.37
N VAL B 141 -40.45 1.76 22.63
CA VAL B 141 -40.46 0.74 23.69
C VAL B 141 -41.51 -0.36 23.45
N LYS B 142 -42.70 0.05 23.00
CA LYS B 142 -43.80 -0.86 22.66
C LYS B 142 -43.38 -1.84 21.55
N ASN B 143 -42.58 -1.34 20.60
CA ASN B 143 -42.01 -2.17 19.53
C ASN B 143 -40.72 -2.90 19.91
N ASP B 144 -39.96 -2.34 20.85
CA ASP B 144 -38.82 -3.01 21.49
C ASP B 144 -39.30 -4.32 22.09
N GLU B 145 -40.38 -4.23 22.86
CA GLU B 145 -41.01 -5.38 23.47
C GLU B 145 -41.75 -6.30 22.50
N ILE B 146 -42.43 -5.72 21.51
CA ILE B 146 -43.14 -6.52 20.48
C ILE B 146 -42.22 -7.51 19.73
N MET B 147 -40.90 -7.37 19.90
CA MET B 147 -39.93 -8.32 19.34
C MET B 147 -40.01 -9.64 20.10
N TYR B 162 -31.20 -8.01 5.36
CA TYR B 162 -30.54 -6.77 4.92
C TYR B 162 -31.51 -5.72 4.41
N PHE B 163 -31.28 -4.47 4.82
CA PHE B 163 -32.05 -3.35 4.30
C PHE B 163 -31.29 -2.51 3.26
N TYR B 164 -32.05 -1.95 2.33
CA TYR B 164 -31.51 -1.15 1.25
C TYR B 164 -32.23 0.17 1.26
N ASN B 165 -31.54 1.17 1.78
CA ASN B 165 -32.16 2.41 2.16
C ASN B 165 -31.78 3.59 1.25
N LEU B 166 -32.65 4.61 1.26
CA LEU B 166 -32.54 5.81 0.44
C LEU B 166 -33.43 6.92 0.99
N THR B 167 -32.93 8.14 1.03
CA THR B 167 -33.78 9.31 1.31
C THR B 167 -33.89 10.26 0.13
N VAL B 168 -34.99 11.01 0.09
CA VAL B 168 -35.28 11.95 -0.98
C VAL B 168 -35.91 13.21 -0.37
N VAL B 169 -35.78 14.34 -1.06
CA VAL B 169 -36.56 15.52 -0.68
C VAL B 169 -37.52 15.83 -1.80
N VAL B 170 -38.79 16.02 -1.44
CA VAL B 170 -39.83 16.32 -2.41
C VAL B 170 -40.31 17.75 -2.22
N LYS B 171 -40.39 18.50 -3.32
CA LYS B 171 -41.12 19.77 -3.35
C LYS B 171 -42.52 19.39 -3.78
N THR B 172 -43.45 19.43 -2.83
CA THR B 172 -44.76 18.82 -3.03
C THR B 172 -45.93 19.80 -3.20
N PHE B 173 -46.85 19.41 -4.08
CA PHE B 173 -48.10 20.14 -4.28
C PHE B 173 -49.22 19.57 -3.39
N VAL B 174 -48.82 18.83 -2.35
CA VAL B 174 -49.73 18.24 -1.38
C VAL B 174 -49.81 19.19 -0.18
N ASN B 175 -51.02 19.35 0.37
CA ASN B 175 -51.28 20.30 1.47
C ASN B 175 -50.86 19.80 2.86
N ASP B 176 -50.88 18.48 3.06
CA ASP B 176 -50.63 17.88 4.38
C ASP B 176 -49.95 16.51 4.34
N PRO B 177 -49.14 16.18 5.38
CA PRO B 177 -48.45 14.89 5.49
C PRO B 177 -49.38 13.67 5.42
N LEU B 178 -50.59 13.82 5.94
CA LEU B 178 -51.58 12.74 5.92
C LEU B 178 -52.09 12.46 4.50
N SER B 179 -52.46 13.52 3.79
CA SER B 179 -52.80 13.43 2.36
C SER B 179 -51.67 12.79 1.58
N MET B 180 -50.44 13.16 1.90
CA MET B 180 -49.25 12.56 1.27
C MET B 180 -49.10 11.09 1.65
N LEU B 181 -49.34 10.78 2.94
CA LEU B 181 -49.33 9.40 3.43
C LEU B 181 -50.38 8.52 2.73
N VAL B 182 -51.56 9.10 2.46
CA VAL B 182 -52.59 8.47 1.62
C VAL B 182 -52.02 8.12 0.24
N VAL B 183 -51.34 9.10 -0.38
CA VAL B 183 -50.75 8.91 -1.71
C VAL B 183 -49.55 7.95 -1.64
N ILE B 184 -48.65 8.18 -0.69
CA ILE B 184 -47.50 7.31 -0.44
C ILE B 184 -47.91 5.83 -0.33
N LYS B 185 -48.95 5.56 0.46
CA LYS B 185 -49.40 4.19 0.66
C LYS B 185 -50.12 3.62 -0.57
N TYR B 186 -50.73 4.51 -1.38
CA TYR B 186 -51.27 4.12 -2.68
C TYR B 186 -50.14 3.78 -3.68
N ILE B 187 -49.03 4.54 -3.61
CA ILE B 187 -47.80 4.27 -4.38
C ILE B 187 -47.27 2.87 -4.00
N GLU B 188 -47.16 2.62 -2.68
CA GLU B 188 -46.79 1.30 -2.14
C GLU B 188 -47.67 0.18 -2.64
N GLU B 189 -48.99 0.42 -2.58
CA GLU B 189 -50.00 -0.57 -2.95
C GLU B 189 -49.96 -1.04 -4.40
N LEU B 190 -49.71 -0.12 -5.33
CA LEU B 190 -49.62 -0.44 -6.76
C LEU B 190 -48.33 -1.17 -7.11
N MET B 191 -47.25 -0.80 -6.42
CA MET B 191 -45.97 -1.50 -6.49
C MET B 191 -46.08 -2.91 -5.91
N LYS B 192 -46.97 -3.06 -4.92
CA LYS B 192 -47.40 -4.33 -4.30
C LYS B 192 -46.79 -4.49 -2.91
N ILE B 206 -41.51 -5.62 0.60
CA ILE B 206 -41.01 -5.31 -0.76
C ILE B 206 -40.58 -3.85 -0.93
N ILE B 207 -41.35 -2.92 -0.36
CA ILE B 207 -41.11 -1.47 -0.47
C ILE B 207 -41.85 -0.71 0.61
N ASP B 208 -41.07 -0.01 1.43
CA ASP B 208 -41.59 0.80 2.51
C ASP B 208 -41.13 2.25 2.32
N ILE B 209 -42.11 3.15 2.22
CA ILE B 209 -41.87 4.59 2.09
C ILE B 209 -42.47 5.28 3.31
N ASP B 210 -41.62 5.93 4.10
CA ASP B 210 -42.04 6.69 5.28
C ASP B 210 -41.95 8.18 4.99
N ILE B 211 -42.47 9.01 5.89
CA ILE B 211 -42.35 10.47 5.78
C ILE B 211 -41.57 10.99 6.99
N LEU B 212 -40.32 11.36 6.75
CA LEU B 212 -39.43 11.79 7.83
C LEU B 212 -39.69 13.20 8.32
N PHE B 213 -40.05 14.10 7.41
CA PHE B 213 -40.28 15.50 7.75
C PHE B 213 -41.36 16.10 6.86
N PHE B 214 -42.09 17.06 7.42
CA PHE B 214 -43.00 17.89 6.63
C PHE B 214 -42.92 19.32 7.14
N ASN B 215 -42.33 20.19 6.33
CA ASN B 215 -41.88 21.53 6.76
C ASN B 215 -41.28 21.49 8.18
N ASP B 216 -41.63 22.44 9.02
CA ASP B 216 -41.12 22.47 10.40
C ASP B 216 -42.05 21.79 11.41
N PHE B 217 -43.06 21.08 10.91
CA PHE B 217 -44.20 20.60 11.71
C PHE B 217 -43.88 19.54 12.78
N THR B 218 -44.57 19.65 13.92
CA THR B 218 -44.50 18.68 15.00
C THR B 218 -45.90 18.08 15.24
N ILE B 219 -46.08 16.82 14.83
CA ILE B 219 -47.41 16.20 14.70
C ILE B 219 -47.44 14.75 15.23
N PHE B 220 -48.39 14.46 16.12
CA PHE B 220 -48.68 13.08 16.54
C PHE B 220 -50.19 12.78 16.61
N MET B 221 -50.73 12.29 15.51
CA MET B 221 -52.12 11.89 15.42
C MET B 221 -52.26 10.44 15.86
N LYS B 222 -52.96 10.25 16.98
CA LYS B 222 -53.22 8.92 17.53
C LYS B 222 -54.41 8.21 16.88
N ASN B 223 -55.56 8.87 16.89
CA ASN B 223 -56.79 8.29 16.36
C ASN B 223 -56.93 8.59 14.87
N ILE B 224 -56.63 7.58 14.04
CA ILE B 224 -56.83 7.66 12.59
C ILE B 224 -57.40 6.36 12.05
N LYS B 225 -58.52 6.50 11.34
CA LYS B 225 -59.15 5.47 10.52
C LYS B 225 -60.22 6.28 9.83
N LEU B 226 -60.28 6.23 8.49
CA LEU B 226 -61.29 7.05 7.85
C LEU B 226 -62.02 6.56 6.62
N GLU B 227 -63.03 7.36 6.28
CA GLU B 227 -63.97 7.13 5.21
C GLU B 227 -63.25 6.65 3.96
N LYS B 228 -63.80 5.59 3.40
CA LYS B 228 -63.27 4.96 2.20
C LYS B 228 -63.64 5.80 0.97
N ASN B 229 -64.39 6.87 1.23
CA ASN B 229 -64.56 7.97 0.31
C ASN B 229 -63.50 9.05 0.55
N MET B 230 -63.17 9.31 1.83
CA MET B 230 -62.17 10.31 2.21
C MET B 230 -60.83 9.94 1.60
N ILE B 231 -60.52 8.64 1.57
CA ILE B 231 -59.40 8.10 0.81
C ILE B 231 -59.59 8.36 -0.69
N TYR B 232 -60.78 8.03 -1.24
CA TYR B 232 -61.10 8.33 -2.64
C TYR B 232 -61.01 9.85 -2.92
N LYS B 233 -61.45 10.66 -1.97
CA LYS B 233 -61.40 12.13 -2.07
C LYS B 233 -59.97 12.68 -2.19
N ILE B 234 -59.08 12.25 -1.29
CA ILE B 234 -57.65 12.62 -1.33
C ILE B 234 -57.02 12.20 -2.66
N LEU B 235 -57.25 10.95 -3.05
CA LEU B 235 -56.71 10.42 -4.30
C LEU B 235 -57.45 10.94 -5.56
N SER B 236 -58.61 11.58 -5.37
CA SER B 236 -59.30 12.30 -6.47
C SER B 236 -58.66 13.66 -6.72
N LYS B 237 -58.07 14.22 -5.68
CA LYS B 237 -57.49 15.57 -5.71
C LYS B 237 -56.15 15.64 -6.49
N TYR B 238 -55.37 14.56 -6.45
CA TYR B 238 -54.02 14.57 -6.99
C TYR B 238 -53.82 13.67 -8.21
N ILE B 239 -54.52 12.55 -8.23
CA ILE B 239 -54.40 11.55 -9.31
C ILE B 239 -55.71 11.44 -10.07
N HIS B 240 -55.58 11.28 -11.39
CA HIS B 240 -56.72 11.15 -12.27
C HIS B 240 -57.21 9.70 -12.29
N LEU B 241 -58.16 9.40 -11.41
CA LEU B 241 -58.55 8.01 -11.11
C LEU B 241 -59.37 7.30 -12.20
N GLU B 242 -59.08 6.01 -12.36
CA GLU B 242 -59.74 5.14 -13.33
C GLU B 242 -61.05 4.59 -12.73
N GLN B 303 -60.41 -1.95 -6.80
CA GLN B 303 -61.22 -1.55 -5.64
C GLN B 303 -60.63 -2.04 -4.32
N GLU B 304 -60.00 -3.22 -4.36
CA GLU B 304 -59.40 -3.89 -3.18
C GLU B 304 -58.20 -3.15 -2.60
N ILE B 305 -57.70 -2.15 -3.34
CA ILE B 305 -56.55 -1.32 -2.97
C ILE B 305 -56.79 -0.55 -1.65
N ILE B 306 -57.87 0.24 -1.62
CA ILE B 306 -58.22 1.10 -0.48
C ILE B 306 -58.38 0.29 0.82
N ASN B 307 -58.95 -0.91 0.69
CA ASN B 307 -59.20 -1.82 1.82
C ASN B 307 -57.95 -2.08 2.68
N ASN B 308 -56.84 -2.40 2.01
CA ASN B 308 -55.54 -2.62 2.65
C ASN B 308 -54.98 -1.35 3.30
N MET B 309 -55.38 -0.19 2.77
CA MET B 309 -54.87 1.10 3.20
C MET B 309 -55.51 1.60 4.50
N VAL B 310 -56.84 1.52 4.58
CA VAL B 310 -57.62 1.95 5.78
C VAL B 310 -57.07 1.31 7.07
N ASP B 311 -56.73 0.02 6.98
CA ASP B 311 -56.11 -0.74 8.07
C ASP B 311 -54.70 -0.25 8.45
N ASN B 312 -53.90 0.10 7.44
CA ASN B 312 -52.51 0.50 7.66
C ASN B 312 -52.33 1.90 8.25
N ILE B 313 -53.23 2.83 7.93
CA ILE B 313 -53.14 4.19 8.47
C ILE B 313 -53.72 4.26 9.90
N GLU B 314 -52.98 3.68 10.83
CA GLU B 314 -53.37 3.65 12.23
C GLU B 314 -53.00 4.96 12.93
N PHE B 315 -51.85 5.51 12.58
CA PHE B 315 -51.36 6.78 13.16
C PHE B 315 -50.38 7.56 12.24
N LEU B 316 -49.95 8.74 12.69
CA LEU B 316 -49.02 9.62 11.95
C LEU B 316 -48.11 10.44 12.86
N SER B 317 -46.80 10.25 12.69
CA SER B 317 -45.79 11.03 13.42
C SER B 317 -44.88 11.87 12.50
N ILE B 318 -44.88 13.18 12.71
CA ILE B 318 -44.02 14.12 11.99
C ILE B 318 -43.24 14.94 13.04
N PRO B 319 -41.91 14.83 13.08
CA PRO B 319 -41.11 13.90 12.27
C PRO B 319 -41.37 12.44 12.64
N HIS B 320 -40.88 11.52 11.80
CA HIS B 320 -40.99 10.08 12.03
C HIS B 320 -40.44 9.69 13.40
N VAL B 321 -40.93 8.57 13.93
CA VAL B 321 -40.57 8.10 15.25
C VAL B 321 -39.06 7.78 15.32
N TYR B 322 -38.63 6.89 14.43
CA TYR B 322 -37.25 6.38 14.41
C TYR B 322 -36.26 7.33 13.73
N THR B 323 -36.73 8.53 13.37
CA THR B 323 -35.90 9.59 12.79
C THR B 323 -34.54 9.72 13.49
N THR B 324 -34.56 9.79 14.82
CA THR B 324 -33.33 10.06 15.55
C THR B 324 -32.75 8.82 16.27
N HIS B 325 -33.33 7.65 15.99
CA HIS B 325 -32.98 6.40 16.68
C HIS B 325 -32.40 5.34 15.73
N ARG B 326 -32.93 5.28 14.50
CA ARG B 326 -32.36 4.42 13.46
C ARG B 326 -31.15 5.10 12.82
N TYR B 327 -29.99 4.46 12.96
CA TYR B 327 -28.73 4.89 12.36
C TYR B 327 -28.84 5.11 10.86
N SER B 328 -29.45 4.15 10.18
CA SER B 328 -29.59 4.17 8.72
C SER B 328 -30.29 5.43 8.25
N ILE B 329 -31.20 5.94 9.06
CA ILE B 329 -31.92 7.18 8.75
C ILE B 329 -31.00 8.39 8.90
N LEU B 330 -30.29 8.52 10.03
CA LEU B 330 -29.29 9.58 10.20
C LEU B 330 -28.25 9.56 9.08
N LEU B 331 -27.81 8.35 8.71
CA LEU B 331 -26.83 8.13 7.65
C LEU B 331 -27.27 8.71 6.31
N CYS B 332 -28.54 8.52 5.95
CA CYS B 332 -29.09 9.08 4.73
C CYS B 332 -29.27 10.59 4.81
N LEU B 333 -29.84 11.08 5.90
CA LEU B 333 -30.08 12.51 6.10
C LEU B 333 -28.79 13.34 6.14
N ASN B 334 -27.68 12.73 6.58
CA ASN B 334 -26.38 13.41 6.66
C ASN B 334 -25.78 13.74 5.27
N ASP B 335 -26.22 13.01 4.24
CA ASP B 335 -25.87 13.29 2.86
C ASP B 335 -26.62 14.51 2.36
N MET B 336 -27.92 14.55 2.66
CA MET B 336 -28.84 15.52 2.04
C MET B 336 -28.83 16.84 2.77
N ILE B 337 -29.05 16.78 4.09
CA ILE B 337 -29.33 17.97 4.89
C ILE B 337 -28.50 18.00 6.19
N PRO B 338 -27.14 18.04 6.07
CA PRO B 338 -26.24 18.01 7.25
C PRO B 338 -26.47 19.10 8.30
N GLU B 339 -27.08 20.20 7.89
CA GLU B 339 -27.22 21.39 8.74
C GLU B 339 -28.61 21.60 9.35
N TYR B 340 -29.57 20.78 8.93
CA TYR B 340 -30.96 20.90 9.33
C TYR B 340 -31.15 20.72 10.84
N LYS B 341 -32.01 21.55 11.43
CA LYS B 341 -32.25 21.52 12.86
C LYS B 341 -33.72 21.74 13.16
N HIS B 342 -34.45 20.64 13.30
CA HIS B 342 -35.83 20.67 13.77
C HIS B 342 -35.85 21.00 15.26
N ASN B 343 -36.90 21.69 15.72
CA ASN B 343 -37.10 22.04 17.15
C ASN B 343 -37.09 20.81 18.06
N VAL B 344 -37.53 19.69 17.48
CA VAL B 344 -37.59 18.36 18.10
C VAL B 344 -36.19 17.78 18.42
N LEU B 345 -35.19 18.19 17.65
CA LEU B 345 -33.83 17.66 17.79
C LEU B 345 -32.97 18.51 18.73
N ASN B 346 -32.08 17.83 19.46
CA ASN B 346 -31.09 18.48 20.32
C ASN B 346 -30.11 19.32 19.51
N ASN B 347 -29.81 18.83 18.30
CA ASN B 347 -28.74 19.33 17.46
C ASN B 347 -29.01 19.07 15.97
N THR B 348 -28.11 19.56 15.12
CA THR B 348 -28.18 19.38 13.65
C THR B 348 -27.95 17.93 13.24
N ILE B 349 -28.52 17.53 12.09
CA ILE B 349 -28.41 16.15 11.59
C ILE B 349 -26.97 15.61 11.63
N ARG B 350 -26.01 16.38 11.11
CA ARG B 350 -24.59 16.00 11.14
C ARG B 350 -24.04 15.73 12.56
N CYS B 351 -24.33 16.61 13.51
CA CYS B 351 -23.87 16.44 14.90
C CYS B 351 -24.43 15.17 15.54
N LEU B 352 -25.71 14.92 15.31
CA LEU B 352 -26.38 13.69 15.74
C LEU B 352 -25.65 12.49 15.15
N TYR B 353 -25.53 12.51 13.81
CA TYR B 353 -24.79 11.50 13.07
C TYR B 353 -23.41 11.20 13.66
N ASN B 354 -22.65 12.25 13.95
CA ASN B 354 -21.32 12.14 14.55
C ASN B 354 -21.31 11.53 15.94
N LYS B 355 -22.18 12.06 16.81
CA LYS B 355 -22.36 11.54 18.16
C LYS B 355 -22.70 10.06 18.10
N TYR B 356 -23.68 9.68 17.28
CA TYR B 356 -24.05 8.29 17.11
C TYR B 356 -22.84 7.42 16.77
N VAL B 357 -22.07 7.80 15.76
CA VAL B 357 -20.88 7.05 15.32
C VAL B 357 -19.79 7.04 16.40
N SER B 358 -19.56 8.20 17.03
CA SER B 358 -18.55 8.36 18.09
C SER B 358 -18.89 7.48 19.29
N ARG B 359 -20.16 7.56 19.68
CA ARG B 359 -20.73 6.91 20.85
C ARG B 359 -20.77 5.38 20.69
N MET B 360 -20.98 4.91 19.46
CA MET B 360 -20.93 3.47 19.15
C MET B 360 -19.52 2.88 19.20
N LYS B 361 -18.52 3.74 19.02
CA LYS B 361 -17.12 3.36 19.17
C LYS B 361 -16.66 3.37 20.64
N GLU B 362 -17.04 4.41 21.39
CA GLU B 362 -16.64 4.56 22.80
C GLU B 362 -17.25 3.47 23.68
N GLN B 363 -18.54 3.18 23.46
CA GLN B 363 -19.33 2.38 24.40
C GLN B 363 -19.61 0.95 23.98
N TYR B 364 -19.37 0.59 22.72
CA TYR B 364 -19.62 -0.78 22.29
C TYR B 364 -18.46 -1.41 21.51
N ASN B 365 -17.45 -0.59 21.22
CA ASN B 365 -16.31 -0.97 20.38
C ASN B 365 -16.73 -1.54 19.02
N ILE B 366 -17.66 -0.83 18.39
CA ILE B 366 -18.20 -1.15 17.08
C ILE B 366 -17.98 0.08 16.21
N ASN B 367 -17.42 -0.09 15.02
CA ASN B 367 -17.57 0.95 14.02
C ASN B 367 -18.80 0.64 13.20
N ILE B 368 -19.77 1.55 13.30
CA ILE B 368 -21.10 1.35 12.75
C ILE B 368 -21.11 1.41 11.22
N LYS B 369 -20.13 2.10 10.66
CA LYS B 369 -19.92 2.19 9.22
C LYS B 369 -19.72 0.82 8.54
N GLU B 370 -18.90 -0.03 9.16
CA GLU B 370 -18.58 -1.37 8.66
C GLU B 370 -19.75 -2.21 8.12
N ASN B 371 -20.88 -2.16 8.79
CA ASN B 371 -22.02 -2.97 8.37
C ASN B 371 -23.07 -2.18 7.60
N ASN B 372 -22.84 -0.87 7.47
CA ASN B 372 -23.71 -0.02 6.67
C ASN B 372 -22.90 0.63 5.55
N LYS B 373 -23.06 0.07 4.36
CA LYS B 373 -22.22 0.43 3.21
C LYS B 373 -22.88 1.38 2.23
N ARG B 374 -22.10 2.36 1.78
CA ARG B 374 -22.52 3.28 0.72
C ARG B 374 -22.54 2.56 -0.62
N ILE B 375 -23.55 2.85 -1.43
CA ILE B 375 -23.67 2.25 -2.75
C ILE B 375 -23.66 3.33 -3.85
N TYR B 376 -22.97 3.03 -4.93
CA TYR B 376 -23.12 3.76 -6.18
C TYR B 376 -23.60 2.76 -7.22
N VAL B 377 -24.30 3.26 -8.24
CA VAL B 377 -24.85 2.41 -9.30
C VAL B 377 -24.30 2.83 -10.67
N LEU B 378 -23.83 1.87 -11.45
CA LEU B 378 -23.37 2.14 -12.80
C LEU B 378 -24.50 1.98 -13.81
N LYS B 379 -25.20 0.84 -13.73
CA LYS B 379 -26.27 0.51 -14.65
C LYS B 379 -27.54 0.15 -13.87
N ASP B 380 -27.73 -1.15 -13.60
CA ASP B 380 -28.91 -1.64 -12.91
C ASP B 380 -28.59 -2.32 -11.56
N ARG B 381 -27.30 -2.49 -11.26
CA ARG B 381 -26.88 -3.29 -10.10
C ARG B 381 -26.09 -2.51 -9.04
N ILE B 382 -26.13 -3.01 -7.80
CA ILE B 382 -25.40 -2.43 -6.66
C ILE B 382 -23.89 -2.57 -6.84
N SER B 383 -23.18 -1.50 -6.53
CA SER B 383 -21.73 -1.54 -6.36
C SER B 383 -21.41 -0.93 -4.99
N TYR B 384 -20.62 -1.64 -4.19
CA TYR B 384 -20.23 -1.13 -2.89
C TYR B 384 -19.05 -0.20 -3.05
N LEU B 385 -19.26 1.05 -2.64
CA LEU B 385 -18.24 2.08 -2.70
C LEU B 385 -16.94 1.58 -2.06
N LYS B 386 -15.86 1.70 -2.81
CA LYS B 386 -14.49 1.39 -2.36
C LYS B 386 -14.15 -0.10 -2.26
N GLU B 387 -15.04 -0.96 -2.76
CA GLU B 387 -14.83 -2.39 -2.63
C GLU B 387 -14.24 -3.07 -3.86
N LYS B 388 -14.30 -2.40 -5.02
CA LYS B 388 -13.80 -2.95 -6.27
C LYS B 388 -13.22 -1.82 -7.15
N THR B 389 -12.07 -2.09 -7.78
CA THR B 389 -11.52 -1.21 -8.80
C THR B 389 -11.93 -1.75 -10.19
N ASN B 390 -12.96 -1.15 -10.77
CA ASN B 390 -13.44 -1.55 -12.10
C ASN B 390 -12.60 -0.97 -13.23
N ILE B 391 -12.34 -1.78 -14.25
CA ILE B 391 -11.64 -1.33 -15.45
C ILE B 391 -12.64 -0.77 -16.48
N VAL B 392 -12.28 0.37 -17.05
CA VAL B 392 -13.03 1.03 -18.09
C VAL B 392 -12.15 1.05 -19.33
N GLY B 393 -12.61 0.36 -20.36
CA GLY B 393 -11.85 0.21 -21.60
C GLY B 393 -12.13 1.35 -22.53
N ILE B 394 -11.06 1.94 -23.05
CA ILE B 394 -11.15 3.06 -23.97
C ILE B 394 -11.31 2.57 -25.41
N LEU B 395 -12.36 3.05 -26.06
CA LEU B 395 -12.51 2.93 -27.50
C LEU B 395 -12.73 4.31 -28.08
N ASN B 396 -11.65 4.87 -28.61
CA ASN B 396 -11.64 6.15 -29.28
C ASN B 396 -11.73 5.87 -30.78
N VAL B 397 -12.93 5.95 -31.34
CA VAL B 397 -13.17 5.69 -32.78
C VAL B 397 -12.28 6.60 -33.65
N ASN B 398 -12.16 7.86 -33.24
CA ASN B 398 -11.19 8.82 -33.78
C ASN B 398 -9.74 8.32 -33.80
N TYR B 399 -9.35 7.53 -32.79
CA TYR B 399 -7.99 6.95 -32.60
C TYR B 399 -6.88 7.96 -32.27
N PHE B 408 -13.06 5.64 -44.16
CA PHE B 408 -11.79 5.82 -43.47
C PHE B 408 -11.93 5.41 -42.00
N VAL B 409 -13.19 5.21 -41.59
CA VAL B 409 -13.58 4.59 -40.33
C VAL B 409 -13.77 3.09 -40.62
N GLU B 410 -13.75 2.26 -39.57
CA GLU B 410 -13.88 0.81 -39.71
C GLU B 410 -14.77 0.28 -38.58
N PRO B 411 -16.11 0.39 -38.73
CA PRO B 411 -16.99 0.02 -37.61
C PRO B 411 -16.93 -1.46 -37.26
N LYS B 412 -16.65 -2.32 -38.24
CA LYS B 412 -16.47 -3.76 -37.99
C LYS B 412 -15.22 -4.01 -37.11
N ARG B 413 -14.13 -3.29 -37.41
CA ARG B 413 -12.87 -3.40 -36.68
C ARG B 413 -13.03 -2.98 -35.23
N ALA B 414 -13.60 -1.78 -35.04
CA ALA B 414 -13.81 -1.19 -33.71
C ALA B 414 -14.73 -1.99 -32.79
N VAL B 415 -15.70 -2.71 -33.34
CA VAL B 415 -16.59 -3.56 -32.51
C VAL B 415 -15.88 -4.84 -32.05
N GLN B 416 -14.98 -5.38 -32.88
CA GLN B 416 -14.12 -6.49 -32.44
C GLN B 416 -13.12 -6.06 -31.35
N ARG B 417 -12.67 -4.80 -31.42
CA ARG B 417 -11.84 -4.20 -30.36
C ARG B 417 -12.62 -4.09 -29.06
N MET B 418 -13.92 -3.78 -29.16
CA MET B 418 -14.82 -3.81 -28.01
C MET B 418 -14.89 -5.19 -27.38
N PHE B 419 -15.10 -6.23 -28.19
CA PHE B 419 -15.15 -7.62 -27.71
C PHE B 419 -13.81 -8.10 -27.15
N GLU B 420 -12.72 -7.70 -27.80
CA GLU B 420 -11.35 -7.90 -27.30
C GLU B 420 -11.17 -7.40 -25.84
N MET B 421 -11.81 -6.27 -25.51
CA MET B 421 -11.73 -5.66 -24.19
C MET B 421 -12.59 -6.33 -23.14
N ILE B 422 -13.73 -6.85 -23.56
CA ILE B 422 -14.63 -7.64 -22.69
C ILE B 422 -13.94 -8.94 -22.24
N ASN B 423 -13.41 -9.68 -23.20
CA ASN B 423 -12.63 -10.89 -22.92
C ASN B 423 -11.31 -10.61 -22.17
N GLU B 424 -10.84 -9.37 -22.22
CA GLU B 424 -9.63 -8.96 -21.51
C GLU B 424 -9.88 -8.55 -20.07
N GLY B 425 -11.15 -8.43 -19.68
CA GLY B 425 -11.50 -8.07 -18.31
C GLY B 425 -12.30 -6.80 -18.02
N ALA B 426 -12.51 -5.94 -19.02
CA ALA B 426 -13.26 -4.68 -18.82
C ALA B 426 -14.73 -4.88 -18.46
N SER B 427 -15.17 -4.22 -17.38
CA SER B 427 -16.58 -4.22 -16.93
C SER B 427 -17.40 -3.14 -17.63
N VAL B 428 -16.69 -2.14 -18.13
CA VAL B 428 -17.26 -0.94 -18.71
C VAL B 428 -16.43 -0.58 -19.93
N ILE B 429 -17.12 -0.21 -21.01
CA ILE B 429 -16.46 0.29 -22.24
C ILE B 429 -16.77 1.76 -22.43
N ASP B 430 -15.72 2.57 -22.64
CA ASP B 430 -15.86 4.01 -22.92
C ASP B 430 -15.58 4.40 -24.37
N ILE B 431 -16.63 4.86 -25.04
CA ILE B 431 -16.59 5.19 -26.46
C ILE B 431 -16.81 6.66 -26.73
N GLY B 432 -15.92 7.23 -27.52
CA GLY B 432 -16.01 8.62 -27.94
C GLY B 432 -15.39 8.81 -29.30
N GLY B 433 -15.80 9.89 -29.96
CA GLY B 433 -15.32 10.22 -31.29
C GLY B 433 -14.86 11.66 -31.42
N GLU B 434 -13.88 12.04 -30.61
CA GLU B 434 -13.10 13.28 -30.79
C GLU B 434 -11.67 13.10 -30.29
N SER B 435 -10.76 13.89 -30.85
CA SER B 435 -9.33 13.75 -30.59
C SER B 435 -8.81 14.76 -29.57
N PHE B 436 -7.84 14.33 -28.77
CA PHE B 436 -7.27 15.14 -27.69
C PHE B 436 -5.82 15.54 -27.98
N GLY B 437 -5.43 15.51 -29.26
CA GLY B 437 -4.08 15.87 -29.71
C GLY B 437 -4.03 17.18 -30.46
N ASN B 443 -8.56 15.48 -38.21
CA ASN B 443 -10.00 15.24 -38.42
C ASN B 443 -10.56 16.19 -39.50
N PRO B 444 -10.84 15.67 -40.72
CA PRO B 444 -11.31 16.52 -41.80
C PRO B 444 -12.82 16.87 -41.76
N LYS B 445 -13.71 15.90 -41.99
CA LYS B 445 -15.14 16.22 -42.19
C LYS B 445 -16.18 15.18 -41.70
N ILE B 446 -15.78 14.18 -40.94
CA ILE B 446 -16.81 13.25 -40.42
C ILE B 446 -17.22 13.59 -38.97
N SER B 447 -18.54 13.70 -38.75
CA SER B 447 -19.13 14.14 -37.48
C SER B 447 -18.93 13.16 -36.33
N GLU B 448 -19.01 13.68 -35.10
CA GLU B 448 -18.98 12.89 -33.87
C GLU B 448 -20.03 11.77 -33.88
N ARG B 449 -21.27 12.12 -34.26
CA ARG B 449 -22.37 11.17 -34.34
C ARG B 449 -22.08 10.03 -35.31
N ASP B 450 -21.55 10.38 -36.48
CA ASP B 450 -21.19 9.41 -37.52
C ASP B 450 -20.04 8.48 -37.08
N LEU B 451 -19.30 8.90 -36.07
CA LEU B 451 -18.24 8.07 -35.50
C LEU B 451 -18.76 7.09 -34.45
N VAL B 452 -19.71 7.50 -33.62
CA VAL B 452 -20.08 6.70 -32.45
C VAL B 452 -21.37 5.88 -32.57
N VAL B 453 -22.44 6.48 -33.11
CA VAL B 453 -23.73 5.77 -33.23
C VAL B 453 -23.66 4.49 -34.08
N PRO B 454 -22.92 4.49 -35.22
CA PRO B 454 -22.88 3.22 -36.01
C PRO B 454 -22.13 2.08 -35.31
N VAL B 455 -20.97 2.38 -34.72
CA VAL B 455 -20.19 1.40 -33.93
C VAL B 455 -21.03 0.85 -32.78
N LEU B 456 -21.67 1.73 -32.04
CA LEU B 456 -22.55 1.31 -30.95
C LEU B 456 -23.69 0.44 -31.46
N GLN B 457 -24.23 0.80 -32.63
CA GLN B 457 -25.28 0.01 -33.30
C GLN B 457 -24.81 -1.36 -33.76
N LEU B 458 -23.59 -1.43 -34.30
CA LEU B 458 -22.98 -2.70 -34.66
C LEU B 458 -22.70 -3.56 -33.42
N PHE B 459 -22.29 -2.92 -32.32
CA PHE B 459 -22.12 -3.63 -31.05
C PHE B 459 -23.41 -4.26 -30.53
N GLN B 460 -24.47 -3.46 -30.41
CA GLN B 460 -25.80 -3.93 -30.00
C GLN B 460 -26.34 -5.08 -30.88
N LYS B 461 -26.12 -4.98 -32.20
CA LYS B 461 -26.49 -5.99 -33.19
C LYS B 461 -25.73 -7.29 -32.94
N GLU B 462 -24.40 -7.20 -32.80
CA GLU B 462 -23.52 -8.36 -32.63
C GLU B 462 -23.83 -9.09 -31.33
N TRP B 463 -23.73 -8.37 -30.21
CA TRP B 463 -24.02 -8.91 -28.89
C TRP B 463 -25.36 -9.65 -28.87
N ASN B 464 -26.37 -9.05 -29.50
CA ASN B 464 -27.75 -9.55 -29.51
C ASN B 464 -28.03 -10.82 -30.29
N ASP B 465 -27.29 -11.07 -31.36
CA ASP B 465 -27.31 -12.37 -32.02
C ASP B 465 -26.59 -13.33 -31.06
N ILE B 466 -27.19 -13.56 -29.89
CA ILE B 466 -26.60 -14.34 -28.78
C ILE B 466 -26.35 -15.76 -29.25
N LYS B 467 -25.18 -16.29 -28.91
CA LYS B 467 -24.81 -17.68 -29.18
C LYS B 467 -24.44 -18.47 -27.91
N ASN B 468 -24.20 -17.77 -26.81
CA ASN B 468 -23.62 -18.37 -25.60
C ASN B 468 -24.62 -18.76 -24.49
N LYS B 469 -25.52 -17.85 -24.13
CA LYS B 469 -26.42 -18.09 -23.00
C LYS B 469 -27.76 -17.38 -23.08
N ILE B 470 -28.76 -17.97 -22.41
CA ILE B 470 -30.08 -17.37 -22.21
C ILE B 470 -30.09 -16.63 -20.85
N VAL B 471 -29.01 -16.78 -20.09
CA VAL B 471 -28.84 -16.14 -18.76
C VAL B 471 -27.65 -15.16 -18.77
N LYS B 472 -27.63 -14.25 -19.76
CA LYS B 472 -26.54 -13.27 -19.93
C LYS B 472 -26.89 -11.88 -19.37
N CYS B 473 -27.38 -11.87 -18.12
CA CYS B 473 -27.72 -10.62 -17.42
C CYS B 473 -26.55 -10.11 -16.56
N ASP B 474 -25.55 -10.99 -16.37
CA ASP B 474 -24.34 -10.68 -15.59
C ASP B 474 -23.14 -10.40 -16.49
N ALA B 475 -23.14 -10.97 -17.70
CA ALA B 475 -22.00 -10.94 -18.62
C ALA B 475 -21.88 -9.66 -19.47
N LYS B 476 -22.96 -8.86 -19.54
CA LYS B 476 -22.96 -7.68 -20.42
C LYS B 476 -22.10 -6.52 -19.92
N PRO B 477 -21.21 -6.00 -20.79
CA PRO B 477 -20.46 -4.78 -20.51
C PRO B 477 -21.36 -3.55 -20.45
N ILE B 478 -21.06 -2.70 -19.48
CA ILE B 478 -21.68 -1.38 -19.38
C ILE B 478 -21.01 -0.46 -20.42
N ILE B 479 -21.84 0.31 -21.13
CA ILE B 479 -21.40 1.20 -22.21
C ILE B 479 -21.45 2.66 -21.77
N SER B 480 -20.30 3.31 -21.87
CA SER B 480 -20.20 4.74 -21.62
C SER B 480 -19.79 5.48 -22.90
N ILE B 481 -20.47 6.61 -23.12
CA ILE B 481 -20.24 7.48 -24.27
C ILE B 481 -19.57 8.75 -23.75
N ASP B 482 -18.41 9.07 -24.31
CA ASP B 482 -17.60 10.21 -23.89
C ASP B 482 -17.96 11.41 -24.76
N THR B 483 -19.02 12.11 -24.37
CA THR B 483 -19.56 13.24 -25.15
C THR B 483 -20.02 14.45 -24.29
N ILE B 484 -20.07 15.62 -24.93
CA ILE B 484 -20.66 16.82 -24.30
C ILE B 484 -21.88 17.31 -25.11
N ASN B 485 -22.15 16.62 -26.22
CA ASN B 485 -23.17 17.02 -27.18
C ASN B 485 -24.45 16.34 -26.79
N TYR B 486 -25.45 17.16 -26.46
CA TYR B 486 -26.82 16.71 -26.20
C TYR B 486 -27.36 15.75 -27.28
N ASN B 487 -27.29 16.19 -28.54
CA ASN B 487 -27.83 15.43 -29.67
C ASN B 487 -27.27 14.01 -29.84
N VAL B 488 -25.97 13.84 -29.65
CA VAL B 488 -25.30 12.53 -29.68
C VAL B 488 -25.91 11.63 -28.61
N PHE B 489 -25.90 12.11 -27.37
CA PHE B 489 -26.38 11.36 -26.22
C PHE B 489 -27.88 11.04 -26.28
N LYS B 490 -28.65 11.93 -26.91
CA LYS B 490 -30.09 11.76 -27.10
C LYS B 490 -30.36 10.57 -28.02
N GLU B 491 -29.63 10.54 -29.14
CA GLU B 491 -29.74 9.46 -30.12
C GLU B 491 -29.37 8.12 -29.50
N CYS B 492 -28.34 8.15 -28.64
CA CYS B 492 -27.81 6.97 -27.96
C CYS B 492 -28.81 6.44 -26.95
N VAL B 493 -29.30 7.32 -26.08
CA VAL B 493 -30.27 6.95 -25.06
C VAL B 493 -31.55 6.40 -25.67
N ASP B 494 -32.06 7.06 -26.71
CA ASP B 494 -33.28 6.62 -27.40
C ASP B 494 -33.16 5.32 -28.20
N ASN B 495 -31.95 4.95 -28.59
CA ASN B 495 -31.70 3.69 -29.29
C ASN B 495 -31.19 2.57 -28.35
N ASP B 496 -31.37 2.80 -27.04
CA ASP B 496 -30.84 1.96 -25.96
C ASP B 496 -29.36 1.58 -26.14
N LEU B 497 -28.58 2.55 -26.63
CA LEU B 497 -27.20 2.28 -27.03
C LEU B 497 -26.17 2.43 -25.90
N VAL B 498 -26.54 3.11 -24.82
CA VAL B 498 -25.60 3.48 -23.73
C VAL B 498 -26.20 3.31 -22.33
N ASP B 499 -25.33 3.23 -21.31
CA ASP B 499 -25.77 3.25 -19.90
C ASP B 499 -25.28 4.48 -19.12
N ILE B 500 -24.07 4.95 -19.45
CA ILE B 500 -23.43 6.02 -18.69
C ILE B 500 -23.08 7.19 -19.61
N LEU B 501 -23.39 8.41 -19.15
CA LEU B 501 -22.84 9.64 -19.78
C LEU B 501 -21.51 10.05 -19.14
N ASN B 502 -20.45 10.01 -19.93
CA ASN B 502 -19.17 10.52 -19.46
C ASN B 502 -18.98 11.91 -20.05
N ASP B 503 -19.18 12.92 -19.23
CA ASP B 503 -19.15 14.32 -19.65
C ASP B 503 -17.99 15.10 -19.05
N ILE B 504 -16.96 15.32 -19.87
CA ILE B 504 -15.71 15.94 -19.44
C ILE B 504 -15.79 17.44 -19.18
N SER B 505 -16.97 18.02 -19.34
CA SER B 505 -17.16 19.42 -18.99
C SER B 505 -17.94 19.51 -17.68
N ALA B 506 -18.29 18.34 -17.15
CA ALA B 506 -19.21 18.20 -16.01
C ALA B 506 -20.56 18.87 -16.29
N CYS B 507 -21.06 18.66 -17.51
CA CYS B 507 -22.36 19.18 -17.96
C CYS B 507 -22.46 20.73 -17.93
N THR B 508 -21.39 21.37 -18.38
CA THR B 508 -21.20 22.81 -18.39
C THR B 508 -21.30 23.35 -19.83
N ASN B 509 -21.08 22.48 -20.81
CA ASN B 509 -21.27 22.86 -22.19
C ASN B 509 -22.77 22.98 -22.52
N ASN B 510 -23.56 22.03 -22.05
CA ASN B 510 -25.00 22.08 -22.23
C ASN B 510 -25.73 21.39 -21.07
N PRO B 511 -26.05 22.15 -20.00
CA PRO B 511 -26.70 21.53 -18.83
C PRO B 511 -27.99 20.79 -19.13
N GLU B 512 -28.61 21.10 -20.27
CA GLU B 512 -29.83 20.43 -20.70
C GLU B 512 -29.59 18.93 -20.86
N ILE B 513 -28.34 18.55 -21.10
CA ILE B 513 -27.94 17.15 -21.15
C ILE B 513 -28.42 16.35 -19.91
N ILE B 514 -28.38 16.99 -18.74
CA ILE B 514 -28.91 16.46 -17.47
C ILE B 514 -30.32 15.88 -17.60
N LYS B 515 -31.20 16.59 -18.32
CA LYS B 515 -32.57 16.15 -18.60
C LYS B 515 -32.65 14.75 -19.24
N LEU B 516 -31.67 14.43 -20.08
CA LEU B 516 -31.60 13.12 -20.76
C LEU B 516 -31.14 11.96 -19.86
N LEU B 517 -30.96 12.24 -18.57
CA LEU B 517 -30.54 11.21 -17.64
C LEU B 517 -31.72 10.53 -16.93
N LYS B 518 -32.89 11.17 -16.97
CA LYS B 518 -34.14 10.59 -16.48
C LYS B 518 -35.09 10.38 -17.65
N LYS B 519 -35.45 9.13 -17.92
CA LYS B 519 -36.61 8.84 -18.76
C LYS B 519 -37.82 8.60 -17.84
N LYS B 520 -38.92 8.05 -18.37
CA LYS B 520 -40.14 7.84 -17.58
C LYS B 520 -39.98 6.83 -16.45
N ASN B 521 -39.15 5.81 -16.70
CA ASN B 521 -38.83 4.75 -15.73
C ASN B 521 -37.31 4.63 -15.48
N LYS B 522 -36.53 4.69 -16.56
CA LYS B 522 -35.07 4.62 -16.52
C LYS B 522 -34.41 5.80 -15.80
N PHE B 523 -33.23 5.52 -15.24
CA PHE B 523 -32.24 6.53 -14.86
C PHE B 523 -30.89 6.18 -15.48
N TYR B 524 -30.09 7.19 -15.79
CA TYR B 524 -28.73 6.95 -16.26
C TYR B 524 -27.72 7.56 -15.31
N SER B 525 -26.55 6.93 -15.23
CA SER B 525 -25.44 7.43 -14.42
C SER B 525 -24.54 8.35 -15.21
N VAL B 526 -23.80 9.17 -14.49
CA VAL B 526 -22.99 10.23 -15.10
C VAL B 526 -21.61 10.37 -14.41
N VAL B 527 -20.58 10.54 -15.23
CA VAL B 527 -19.25 10.92 -14.75
C VAL B 527 -19.09 12.42 -14.96
N LEU B 528 -18.88 13.15 -13.88
CA LEU B 528 -18.54 14.58 -13.94
C LEU B 528 -17.04 14.80 -13.78
N MET B 529 -16.43 15.41 -14.80
CA MET B 529 -15.00 15.67 -14.79
C MET B 529 -14.64 17.16 -14.78
N HIS B 530 -13.65 17.51 -13.95
CA HIS B 530 -12.98 18.82 -14.02
C HIS B 530 -12.03 19.00 -15.21
N LYS B 531 -12.24 20.10 -15.94
CA LYS B 531 -11.26 20.69 -16.86
C LYS B 531 -11.33 22.23 -16.86
N ARG B 532 -10.43 22.84 -17.64
CA ARG B 532 -10.52 24.22 -18.03
C ARG B 532 -10.19 24.27 -19.51
N GLY B 533 -11.01 24.99 -20.27
CA GLY B 533 -10.74 25.24 -21.69
C GLY B 533 -10.84 23.96 -22.49
N ASN B 534 -10.01 23.88 -23.53
CA ASN B 534 -10.02 22.72 -24.41
C ASN B 534 -8.58 22.27 -24.68
N PRO B 535 -8.38 21.10 -25.36
CA PRO B 535 -7.05 20.53 -25.65
C PRO B 535 -6.04 21.49 -26.26
N HIS B 536 -6.51 22.46 -27.04
CA HIS B 536 -5.64 23.46 -27.65
C HIS B 536 -5.20 24.55 -26.66
N THR B 537 -6.04 24.83 -25.65
CA THR B 537 -5.77 25.93 -24.69
C THR B 537 -5.41 25.48 -23.26
N MET B 538 -5.71 24.21 -22.95
CA MET B 538 -5.53 23.54 -21.65
C MET B 538 -4.21 23.74 -20.91
N ASP B 539 -3.09 23.48 -21.59
CA ASP B 539 -1.77 23.38 -20.93
C ASP B 539 -1.29 24.67 -20.25
N LYS B 540 -1.90 25.80 -20.61
CA LYS B 540 -1.52 27.06 -20.01
C LYS B 540 -2.40 27.43 -18.81
N LEU B 541 -3.60 26.87 -18.75
CA LEU B 541 -4.63 27.22 -17.76
C LEU B 541 -4.42 26.57 -16.41
N THR B 542 -3.29 26.87 -15.82
CA THR B 542 -2.66 26.04 -14.82
C THR B 542 -2.67 26.58 -13.36
N ASN B 543 -3.00 27.85 -13.18
CA ASN B 543 -2.97 28.43 -11.82
C ASN B 543 -4.23 28.10 -11.03
N TYR B 544 -4.00 27.53 -9.86
CA TYR B 544 -5.07 27.23 -8.93
C TYR B 544 -4.77 27.91 -7.61
N ASP B 545 -5.81 28.39 -6.95
CA ASP B 545 -5.65 28.96 -5.64
C ASP B 545 -5.25 27.84 -4.68
N ASN B 546 -6.06 26.80 -4.64
CA ASN B 546 -5.70 25.59 -3.94
C ASN B 546 -6.11 24.40 -4.79
N LEU B 547 -5.13 23.88 -5.54
CA LEU B 547 -5.34 22.78 -6.49
C LEU B 547 -6.36 21.69 -6.07
N VAL B 548 -6.07 21.00 -4.97
CA VAL B 548 -6.84 19.83 -4.56
C VAL B 548 -8.29 20.18 -4.23
N TYR B 549 -8.48 21.21 -3.43
CA TYR B 549 -9.79 21.59 -2.92
C TYR B 549 -10.62 22.46 -3.88
N ASP B 550 -9.94 23.19 -4.78
CA ASP B 550 -10.63 23.89 -5.88
C ASP B 550 -11.34 22.87 -6.76
N ILE B 551 -10.65 21.78 -7.06
CA ILE B 551 -11.17 20.75 -7.96
C ILE B 551 -12.27 19.93 -7.27
N LYS B 552 -12.08 19.65 -5.99
CA LYS B 552 -13.08 18.97 -5.18
C LYS B 552 -14.33 19.83 -5.04
N ASN B 553 -14.14 21.12 -4.73
CA ASN B 553 -15.25 22.03 -4.56
C ASN B 553 -16.04 22.21 -5.85
N TYR B 554 -15.32 22.34 -6.95
CA TYR B 554 -15.93 22.37 -8.27
C TYR B 554 -16.89 21.18 -8.46
N LEU B 555 -16.41 19.97 -8.17
CA LEU B 555 -17.19 18.76 -8.46
C LEU B 555 -18.41 18.59 -7.55
N GLU B 556 -18.22 18.87 -6.26
CA GLU B 556 -19.32 18.87 -5.29
C GLU B 556 -20.40 19.87 -5.72
N GLN B 557 -19.97 21.03 -6.19
CA GLN B 557 -20.88 22.03 -6.76
C GLN B 557 -21.69 21.44 -7.92
N ARG B 558 -20.99 20.82 -8.89
CA ARG B 558 -21.66 20.15 -10.00
C ARG B 558 -22.69 19.13 -9.50
N LEU B 559 -22.26 18.27 -8.58
CA LEU B 559 -23.15 17.30 -7.96
C LEU B 559 -24.37 17.94 -7.27
N ASN B 560 -24.14 19.01 -6.52
CA ASN B 560 -25.26 19.77 -5.93
C ASN B 560 -26.32 20.14 -6.97
N PHE B 561 -25.86 20.62 -8.14
CA PHE B 561 -26.75 21.02 -9.23
C PHE B 561 -27.58 19.86 -9.80
N LEU B 562 -26.94 18.73 -10.07
CA LEU B 562 -27.62 17.57 -10.63
C LEU B 562 -28.60 17.01 -9.62
N VAL B 563 -28.18 17.02 -8.35
CA VAL B 563 -29.00 16.53 -7.25
C VAL B 563 -30.24 17.42 -7.10
N LEU B 564 -30.03 18.74 -7.14
CA LEU B 564 -31.16 19.66 -7.14
C LEU B 564 -32.15 19.33 -8.28
N ASN B 565 -31.61 18.92 -9.41
CA ASN B 565 -32.44 18.60 -10.56
C ASN B 565 -32.86 17.13 -10.63
N GLY B 566 -32.65 16.41 -9.52
CA GLY B 566 -33.23 15.09 -9.34
C GLY B 566 -32.48 13.93 -9.97
N ILE B 567 -31.19 14.13 -10.23
CA ILE B 567 -30.29 13.02 -10.56
C ILE B 567 -29.91 12.35 -9.25
N PRO B 568 -30.21 11.04 -9.10
CA PRO B 568 -29.93 10.33 -7.86
C PRO B 568 -28.45 10.46 -7.49
N ARG B 569 -28.18 10.87 -6.26
CA ARG B 569 -26.82 11.14 -5.81
C ARG B 569 -25.89 9.95 -6.08
N TYR B 570 -26.40 8.75 -5.83
CA TYR B 570 -25.65 7.50 -5.97
C TYR B 570 -25.30 7.14 -7.42
N ARG B 571 -25.81 7.92 -8.38
CA ARG B 571 -25.52 7.72 -9.82
C ARG B 571 -24.49 8.69 -10.37
N ILE B 572 -23.90 9.50 -9.51
CA ILE B 572 -22.99 10.55 -9.94
C ILE B 572 -21.57 10.17 -9.55
N LEU B 573 -20.69 10.15 -10.54
CA LEU B 573 -19.29 9.75 -10.36
C LEU B 573 -18.34 10.95 -10.52
N PHE B 574 -17.32 11.00 -9.67
CA PHE B 574 -16.36 12.12 -9.66
C PHE B 574 -15.16 11.78 -10.49
N ASP B 575 -14.66 12.78 -11.21
CA ASP B 575 -13.43 12.63 -11.97
C ASP B 575 -12.67 13.91 -11.90
N ILE B 576 -11.41 13.79 -11.54
CA ILE B 576 -10.55 14.94 -11.26
C ILE B 576 -9.94 15.54 -12.53
N GLY B 577 -10.13 14.84 -13.65
CA GLY B 577 -9.58 15.23 -14.93
C GLY B 577 -8.06 15.31 -15.01
N LEU B 578 -7.39 14.17 -14.84
CA LEU B 578 -5.93 14.12 -14.95
C LEU B 578 -5.42 14.58 -16.33
N GLY B 579 -4.41 15.46 -16.31
CA GLY B 579 -3.85 16.04 -17.54
C GLY B 579 -4.67 17.13 -18.22
N PHE B 580 -5.90 17.36 -17.77
CA PHE B 580 -6.76 18.41 -18.32
C PHE B 580 -6.57 19.71 -17.55
N ALA B 581 -5.74 20.60 -18.07
CA ALA B 581 -5.40 21.88 -17.40
C ALA B 581 -4.67 21.67 -16.06
N LYS B 582 -3.75 20.70 -16.05
CA LYS B 582 -2.83 20.52 -14.92
C LYS B 582 -1.43 20.30 -15.47
N LYS B 583 -0.46 21.04 -14.95
CA LYS B 583 0.95 20.69 -15.08
C LYS B 583 1.17 19.26 -14.55
N HIS B 584 2.21 18.60 -15.02
CA HIS B 584 2.46 17.21 -14.64
C HIS B 584 2.64 16.99 -13.16
N ASP B 585 3.22 17.97 -12.47
CA ASP B 585 3.36 17.89 -11.02
C ASP B 585 2.02 18.06 -10.31
N GLN B 586 1.08 18.70 -11.00
CA GLN B 586 -0.27 18.89 -10.49
C GLN B 586 -1.11 17.63 -10.66
N SER B 587 -0.92 16.94 -11.78
CA SER B 587 -1.47 15.59 -11.99
C SER B 587 -0.99 14.61 -10.90
N ILE B 588 0.30 14.65 -10.59
CA ILE B 588 0.87 13.84 -9.51
C ILE B 588 0.22 14.24 -8.17
N LYS B 589 0.13 15.54 -7.91
CA LYS B 589 -0.41 16.03 -6.64
C LYS B 589 -1.88 15.66 -6.43
N LEU B 590 -2.68 15.69 -7.50
CA LEU B 590 -4.07 15.25 -7.40
C LEU B 590 -4.13 13.80 -6.97
N LEU B 591 -3.17 13.00 -7.43
CA LEU B 591 -3.07 11.59 -7.06
C LEU B 591 -2.57 11.39 -5.63
N GLN B 592 -1.56 12.16 -5.22
CA GLN B 592 -1.09 12.20 -3.83
C GLN B 592 -2.22 12.44 -2.83
N ASN B 593 -3.23 13.21 -3.24
CA ASN B 593 -4.30 13.65 -2.34
C ASN B 593 -5.68 13.09 -2.71
N ILE B 594 -5.69 11.87 -3.24
CA ILE B 594 -6.91 11.26 -3.77
C ILE B 594 -7.88 10.80 -2.66
N HIS B 595 -7.39 10.74 -1.41
CA HIS B 595 -8.15 10.27 -0.23
C HIS B 595 -9.28 11.23 0.06
N VAL B 596 -9.17 12.36 -0.59
CA VAL B 596 -10.04 13.48 -0.48
C VAL B 596 -11.40 13.12 -1.11
N TYR B 597 -11.40 12.02 -1.87
CA TYR B 597 -12.60 11.45 -2.49
C TYR B 597 -13.07 10.12 -1.85
N ASP B 598 -12.57 9.82 -0.64
CA ASP B 598 -12.94 8.61 0.12
C ASP B 598 -14.43 8.43 0.38
N GLU B 599 -15.18 9.51 0.27
CA GLU B 599 -16.61 9.48 0.54
C GLU B 599 -17.41 9.27 -0.74
N TYR B 600 -16.72 9.31 -1.89
CA TYR B 600 -17.37 9.47 -3.20
C TYR B 600 -17.01 8.41 -4.22
N PRO B 601 -17.97 8.07 -5.13
CA PRO B 601 -17.60 7.31 -6.31
C PRO B 601 -16.54 8.08 -7.09
N LEU B 602 -15.44 7.41 -7.40
CA LEU B 602 -14.30 8.06 -8.01
C LEU B 602 -13.91 7.32 -9.27
N PHE B 603 -13.78 8.08 -10.36
CA PHE B 603 -13.57 7.55 -11.70
C PHE B 603 -12.41 8.42 -12.18
N ILE B 604 -11.30 7.80 -12.57
CA ILE B 604 -10.12 8.58 -13.04
C ILE B 604 -9.54 8.02 -14.32
N GLY B 605 -8.77 8.84 -15.02
CA GLY B 605 -8.17 8.48 -16.29
C GLY B 605 -6.78 9.04 -16.38
N TYR B 606 -5.79 8.15 -16.29
CA TYR B 606 -4.39 8.53 -16.35
C TYR B 606 -3.73 8.00 -17.61
N SER B 607 -4.40 7.01 -18.23
CA SER B 607 -3.81 6.21 -19.28
C SER B 607 -3.18 6.98 -20.45
N ARG B 608 -1.88 6.72 -20.62
CA ARG B 608 -1.09 7.20 -21.75
C ARG B 608 -0.89 8.70 -21.81
N LYS B 609 -1.09 9.36 -20.68
CA LYS B 609 -0.97 10.79 -20.63
C LYS B 609 0.47 11.17 -20.33
N ARG B 610 0.82 12.39 -20.68
CA ARG B 610 2.21 12.85 -20.62
C ARG B 610 2.81 12.94 -19.21
N PHE B 611 1.98 13.10 -18.18
CA PHE B 611 2.50 13.20 -16.80
C PHE B 611 3.18 11.92 -16.33
N ILE B 612 2.74 10.78 -16.85
CA ILE B 612 3.32 9.46 -16.54
C ILE B 612 4.78 9.43 -17.02
N THR B 613 5.00 9.82 -18.28
CA THR B 613 6.33 9.99 -18.90
C THR B 613 7.23 10.93 -18.09
N HIS B 614 6.63 11.98 -17.53
CA HIS B 614 7.35 13.01 -16.78
C HIS B 614 8.05 12.43 -15.56
N CYS B 615 7.47 11.36 -15.01
CA CYS B 615 7.99 10.66 -13.83
C CYS B 615 9.29 9.88 -14.08
N MET B 616 9.70 9.75 -15.34
CA MET B 616 10.79 8.84 -15.70
C MET B 616 12.11 9.51 -15.98
N ASN B 617 13.16 8.97 -15.36
CA ASN B 617 14.50 9.57 -15.32
C ASN B 617 15.31 9.46 -16.64
N ASP B 618 14.71 9.94 -17.73
CA ASP B 618 15.36 9.97 -19.05
C ASP B 618 14.98 11.24 -19.82
N ASP B 657 13.03 3.95 -32.51
CA ASP B 657 13.22 2.94 -31.48
C ASP B 657 13.23 3.54 -30.06
N LYS B 658 13.54 4.83 -29.98
CA LYS B 658 13.58 5.60 -28.73
C LYS B 658 12.19 5.80 -28.11
N ASP B 659 11.21 6.09 -28.97
CA ASP B 659 9.82 6.34 -28.53
C ASP B 659 8.92 5.11 -28.57
N GLN B 660 9.47 4.00 -29.08
CA GLN B 660 8.88 2.67 -28.90
C GLN B 660 9.10 2.26 -27.44
N LEU B 661 10.27 2.61 -26.91
CA LEU B 661 10.56 2.45 -25.48
C LEU B 661 9.70 3.37 -24.63
N LEU B 662 9.52 4.61 -25.10
CA LEU B 662 8.71 5.59 -24.40
C LEU B 662 7.26 5.12 -24.20
N TYR B 663 6.66 4.61 -25.26
CA TYR B 663 5.32 3.99 -25.23
C TYR B 663 5.21 2.85 -24.19
N GLN B 664 6.25 2.01 -24.12
CA GLN B 664 6.35 0.93 -23.11
C GLN B 664 6.48 1.50 -21.70
N LYS B 665 7.42 2.42 -21.54
CA LYS B 665 7.68 3.04 -20.27
C LYS B 665 6.42 3.73 -19.77
N ASN B 666 5.63 4.26 -20.71
CA ASN B 666 4.38 4.92 -20.37
C ASN B 666 3.31 3.90 -19.96
N ILE B 667 3.12 2.84 -20.73
CA ILE B 667 2.14 1.81 -20.38
C ILE B 667 2.47 1.14 -19.04
N CYS B 668 3.76 0.95 -18.76
CA CYS B 668 4.16 0.32 -17.51
C CYS B 668 4.01 1.26 -16.31
N GLY B 669 4.31 2.55 -16.51
CA GLY B 669 4.10 3.57 -15.48
C GLY B 669 2.63 3.73 -15.15
N GLY B 670 1.80 3.49 -16.15
CA GLY B 670 0.36 3.49 -15.99
C GLY B 670 -0.05 2.39 -15.04
N LEU B 671 0.53 1.21 -15.24
CA LEU B 671 0.24 0.05 -14.41
C LEU B 671 0.61 0.27 -12.94
N ALA B 672 1.58 1.14 -12.69
CA ALA B 672 1.93 1.57 -11.33
C ALA B 672 0.78 2.39 -10.72
N ILE B 673 0.13 3.23 -11.52
CA ILE B 673 -1.02 4.01 -11.08
C ILE B 673 -2.24 3.09 -10.89
N ALA B 674 -2.30 2.01 -11.65
CA ALA B 674 -3.32 0.97 -11.43
C ALA B 674 -3.20 0.40 -10.02
N SER B 675 -1.96 0.12 -9.61
CA SER B 675 -1.67 -0.45 -8.30
C SER B 675 -2.02 0.53 -7.21
N TYR B 676 -1.44 1.73 -7.30
CA TYR B 676 -1.76 2.83 -6.42
C TYR B 676 -3.28 3.02 -6.33
N SER B 677 -3.95 3.08 -7.48
CA SER B 677 -5.39 3.23 -7.56
C SER B 677 -6.12 2.10 -6.83
N TYR B 678 -5.60 0.88 -6.98
CA TYR B 678 -6.07 -0.31 -6.24
C TYR B 678 -5.97 -0.17 -4.69
N TYR B 679 -4.85 0.36 -4.21
CA TYR B 679 -4.66 0.58 -2.78
C TYR B 679 -5.43 1.75 -2.21
N LYS B 680 -5.55 2.82 -2.99
CA LYS B 680 -6.35 3.99 -2.62
C LYS B 680 -7.84 3.73 -2.82
N LYS B 681 -8.16 2.55 -3.35
CA LYS B 681 -9.52 2.03 -3.51
C LYS B 681 -10.42 2.79 -4.47
N VAL B 682 -9.84 3.19 -5.60
CA VAL B 682 -10.53 3.97 -6.63
C VAL B 682 -11.60 3.12 -7.32
N ASP B 683 -12.78 3.69 -7.51
CA ASP B 683 -13.90 2.89 -8.02
C ASP B 683 -13.76 2.46 -9.49
N LEU B 684 -13.35 3.37 -10.37
CA LEU B 684 -13.17 3.03 -11.79
C LEU B 684 -11.92 3.70 -12.37
N ILE B 685 -11.19 2.95 -13.19
CA ILE B 685 -10.02 3.48 -13.90
C ILE B 685 -10.20 3.36 -15.42
N ARG B 686 -9.83 4.42 -16.15
CA ARG B 686 -10.09 4.51 -17.59
C ARG B 686 -8.79 4.20 -18.33
N VAL B 687 -8.73 3.01 -18.92
CA VAL B 687 -7.47 2.54 -19.49
C VAL B 687 -7.59 2.05 -20.95
N HIS B 688 -6.51 2.25 -21.71
CA HIS B 688 -6.37 1.68 -23.03
C HIS B 688 -6.06 0.19 -22.89
N ASP B 689 -5.00 -0.11 -22.16
CA ASP B 689 -4.43 -1.46 -22.08
C ASP B 689 -5.17 -2.31 -21.05
N VAL B 690 -6.33 -2.82 -21.45
CA VAL B 690 -7.24 -3.60 -20.59
C VAL B 690 -6.63 -4.91 -20.01
N LEU B 691 -5.87 -5.64 -20.84
CA LEU B 691 -5.24 -6.89 -20.42
C LEU B 691 -4.20 -6.67 -19.32
N GLU B 692 -3.24 -5.79 -19.60
CA GLU B 692 -2.14 -5.47 -18.69
C GLU B 692 -2.63 -5.07 -17.27
N THR B 693 -3.68 -4.23 -17.25
CA THR B 693 -4.31 -3.71 -16.02
C THR B 693 -5.01 -4.81 -15.20
N LYS B 694 -5.93 -5.55 -15.84
CA LYS B 694 -6.63 -6.72 -15.25
C LYS B 694 -5.68 -7.77 -14.67
N SER B 695 -4.57 -8.01 -15.38
CA SER B 695 -3.50 -8.85 -14.86
C SER B 695 -3.04 -8.33 -13.51
N VAL B 696 -2.59 -7.06 -13.48
CA VAL B 696 -2.15 -6.35 -12.28
C VAL B 696 -3.19 -6.43 -11.18
N LEU B 697 -4.44 -6.10 -11.50
CA LEU B 697 -5.48 -6.07 -10.50
C LEU B 697 -5.73 -7.44 -9.90
N ASP B 698 -5.65 -8.48 -10.74
CA ASP B 698 -5.81 -9.86 -10.29
C ASP B 698 -4.75 -10.33 -9.28
N VAL B 699 -3.49 -10.05 -9.56
CA VAL B 699 -2.40 -10.34 -8.63
C VAL B 699 -2.59 -9.65 -7.28
N LEU B 700 -2.87 -8.35 -7.29
CA LEU B 700 -3.07 -7.56 -6.07
C LEU B 700 -4.27 -7.99 -5.24
N THR B 701 -5.38 -8.30 -5.91
CA THR B 701 -6.57 -8.89 -5.30
C THR B 701 -6.27 -10.23 -4.61
N LYS B 702 -5.45 -11.07 -5.26
CA LYS B 702 -5.03 -12.33 -4.68
C LYS B 702 -4.16 -12.19 -3.42
N ILE B 703 -3.15 -11.33 -3.48
CA ILE B 703 -2.30 -11.00 -2.33
C ILE B 703 -3.12 -10.42 -1.15
N ASP B 704 -4.24 -9.79 -1.45
CA ASP B 704 -5.13 -9.27 -0.40
C ASP B 704 -6.17 -10.24 0.15
N GLN B 705 -6.38 -11.38 -0.52
CA GLN B 705 -7.29 -12.39 -0.01
C GLN B 705 -6.58 -13.21 1.06
N VAL B 706 -6.76 -12.77 2.30
CA VAL B 706 -6.21 -13.46 3.45
C VAL B 706 -7.30 -14.41 3.97
N LYS B 707 -6.97 -15.70 3.99
CA LYS B 707 -7.92 -16.76 4.35
C LYS B 707 -8.40 -16.61 5.80
N ASP B 708 -7.44 -16.56 6.73
CA ASP B 708 -7.72 -16.23 8.14
C ASP B 708 -7.07 -14.88 8.49
N PRO B 709 -7.90 -13.84 8.77
CA PRO B 709 -7.45 -12.44 8.94
C PRO B 709 -6.46 -12.14 10.08
N ASN B 710 -6.40 -12.98 11.10
CA ASN B 710 -5.44 -12.78 12.20
C ASN B 710 -4.49 -13.97 12.41
N SER B 711 -4.21 -14.68 11.33
CA SER B 711 -3.32 -15.82 11.31
C SER B 711 -1.85 -15.42 11.44
N SER B 712 -1.52 -14.20 11.01
CA SER B 712 -0.15 -13.70 11.08
C SER B 712 0.35 -13.65 12.53
N SER B 713 -0.49 -13.14 13.44
CA SER B 713 -0.15 -13.10 14.87
C SER B 713 -0.18 -14.48 15.53
N VAL B 714 -1.14 -15.32 15.11
CA VAL B 714 -1.24 -16.69 15.63
C VAL B 714 0.01 -17.49 15.27
N ASP B 715 0.33 -17.52 13.97
CA ASP B 715 1.51 -18.24 13.47
C ASP B 715 2.82 -17.77 14.12
N LYS B 716 2.91 -16.46 14.39
CA LYS B 716 4.06 -15.85 15.07
C LYS B 716 4.27 -16.36 16.49
N LEU B 717 3.16 -16.44 17.22
CA LEU B 717 3.14 -16.97 18.57
C LEU B 717 3.40 -18.48 18.58
N ALA B 718 2.85 -19.21 17.60
CA ALA B 718 3.13 -20.63 17.41
C ALA B 718 4.62 -20.92 17.25
N ALA B 719 5.32 -20.02 16.56
CA ALA B 719 6.76 -20.14 16.34
C ALA B 719 7.55 -19.78 17.58
N ALA B 720 7.14 -18.71 18.26
CA ALA B 720 7.84 -18.20 19.44
C ALA B 720 7.89 -19.19 20.59
N LEU B 721 6.90 -20.07 20.68
CA LEU B 721 6.89 -21.09 21.71
C LEU B 721 7.25 -22.48 21.16
N GLU B 722 7.84 -22.47 19.95
CA GLU B 722 8.23 -23.66 19.15
C GLU B 722 7.64 -25.00 19.58
#